data_6KGL
#
_entry.id   6KGL
#
_cell.length_a   119.545
_cell.length_b   178.549
_cell.length_c   234.194
_cell.angle_alpha   90.000
_cell.angle_beta   90.000
_cell.angle_gamma   90.000
#
_symmetry.space_group_name_H-M   'I 2 2 2'
#
loop_
_entity.id
_entity.type
_entity.pdbx_description
1 polymer 'Lysine-specific histone demethylase 1A'
2 polymer 'REST corepressor 1'
3 non-polymer GLYCEROL
4 non-polymer 3-[3,5-bis(fluoranyl)-2-phenylmethoxy-phenyl]propanal
5 non-polymer 'FLAVIN-ADENINE DINUCLEOTIDE'
6 water water
#
loop_
_entity_poly.entity_id
_entity_poly.type
_entity_poly.pdbx_seq_one_letter_code
_entity_poly.pdbx_strand_id
1 'polypeptide(L)'
;GPLGSHMSGVEGAAFQSRLPHDRMTSQEAACFPDIISGPQQTQKVFLFIRNRTLQLWLDNPKIQLTFEATLQQLEAPYNS
DTVLVHRVHSYLERHGLINFGIYKRIKPLPTKKTGKVIIIGSGVSGLAAARQLQSFGMDVTLLEARDRVGGRVATFRKGN
YVADLGAMVVTGLGGNPMAVVSKQVNMELAKIKQKCPLYEANGQAVPKEKDEMVEQEFNRLLEATSYLSHQLDFNVLNNK
PVSLGQALEVVIQLQEKHVKDEQIEHWKKIVKTQEELKELLNKMVNLKEKIKELHQQYKEASEVKPPRDITAEFLVKSKH
RDLTALCKEYDELAETQGKLEEKLQELEANPPSDVYLSSRDRQILDWHFANLEFANATPLSTLSLKHWDQDDDFEFTGSH
LTVRNGYSCVPVALAEGLDIKLNTAVRQVRYTASGCEVIAVNTRSTSQTFIYKCDAVLCTLPLGVLKQQPPAVQFVPPLP
EWKTSAVQRMGFGNLNKVVLCFDRVFWDPSVNLFGHVGSTTASRGELFLFWNLYKAPILLALVAGEAAGIMENISDDVIV
GRCLAILKGIFGSSAVPQPKETVVSRWRADPWARGSYSYVAAGSSGNDYDLMAQPITPGPSIPGAPQPIPRLFFAGEHTI
RNYPATVHGALLSGLREAGRIADQFLGAM
;
A
2 'polypeptide(L)'
;GSSGSASRKPPKGMFLSQEDVEAVSANATAATTVLRQLDMELVSVKRQIQNIKQTNSALKEKLDGGIEPYRLPEVIQKCN
ARWTTEEQLLAVQAIRKYGRDFQAISDVIGNKSVVQVKNFFVNYRRRFNIDEVLQEWEAE
;
B
#
loop_
_chem_comp.id
_chem_comp.type
_chem_comp.name
_chem_comp.formula
DJ0 non-polymer 3-[3,5-bis(fluoranyl)-2-phenylmethoxy-phenyl]propanal 'C16 H14 F2 O2'
FAD non-polymer 'FLAVIN-ADENINE DINUCLEOTIDE' 'C27 H33 N9 O15 P2'
GOL non-polymer GLYCEROL 'C3 H8 O3'
#
# COMPACT_ATOMS: atom_id res chain seq x y z
N SER A 8 -12.69 -31.04 -2.33
CA SER A 8 -13.57 -32.17 -1.97
C SER A 8 -14.90 -31.70 -1.35
N GLY A 9 -15.71 -32.67 -0.88
CA GLY A 9 -17.05 -32.39 -0.43
C GLY A 9 -17.14 -32.03 1.04
N VAL A 10 -16.78 -32.98 1.92
CA VAL A 10 -16.75 -32.67 3.34
C VAL A 10 -15.65 -31.66 3.62
N GLU A 11 -14.60 -31.63 2.82
CA GLU A 11 -13.59 -30.58 2.99
C GLU A 11 -14.14 -29.22 2.61
N GLY A 12 -14.96 -29.15 1.56
CA GLY A 12 -15.52 -27.88 1.15
C GLY A 12 -16.48 -27.35 2.18
N ALA A 13 -17.23 -28.26 2.83
CA ALA A 13 -18.13 -27.87 3.90
C ALA A 13 -17.37 -27.16 5.02
N ALA A 14 -16.23 -27.69 5.42
CA ALA A 14 -15.43 -27.00 6.43
C ALA A 14 -14.95 -25.64 5.92
N PHE A 15 -14.41 -25.61 4.70
CA PHE A 15 -13.95 -24.36 4.14
C PHE A 15 -15.10 -23.34 4.06
N GLN A 16 -16.27 -23.78 3.60
CA GLN A 16 -17.42 -22.91 3.49
C GLN A 16 -17.92 -22.44 4.86
N SER A 17 -17.57 -23.15 5.93
CA SER A 17 -17.92 -22.75 7.29
C SER A 17 -16.76 -22.06 8.01
N ARG A 18 -15.73 -21.62 7.28
CA ARG A 18 -14.59 -20.93 7.87
C ARG A 18 -13.91 -21.79 8.93
N LEU A 19 -13.80 -23.10 8.65
CA LEU A 19 -13.28 -24.10 9.56
C LEU A 19 -12.15 -24.91 8.94
N PRO A 20 -11.07 -25.16 9.67
CA PRO A 20 -10.03 -26.07 9.17
C PRO A 20 -10.55 -27.49 9.17
N HIS A 21 -10.47 -28.16 8.02
CA HIS A 21 -11.11 -29.47 7.90
C HIS A 21 -10.35 -30.57 8.63
N ASP A 22 -9.06 -30.39 8.89
CA ASP A 22 -8.23 -31.47 9.41
C ASP A 22 -7.77 -31.21 10.84
N ARG A 23 -8.47 -30.33 11.55
CA ARG A 23 -8.04 -29.90 12.87
C ARG A 23 -9.24 -29.33 13.60
N MET A 24 -9.28 -29.53 14.91
CA MET A 24 -10.36 -28.98 15.73
C MET A 24 -10.00 -27.57 16.14
N THR A 25 -11.02 -26.71 16.21
CA THR A 25 -10.81 -25.33 16.64
C THR A 25 -10.77 -25.22 18.15
N SER A 26 -10.38 -24.03 18.61
CA SER A 26 -10.46 -23.69 20.03
C SER A 26 -11.87 -23.87 20.59
N GLN A 27 -12.88 -23.46 19.82
CA GLN A 27 -14.26 -23.58 20.29
C GLN A 27 -14.66 -25.04 20.44
N GLU A 28 -14.26 -25.88 19.47
CA GLU A 28 -14.60 -27.29 19.55
C GLU A 28 -13.85 -27.95 20.69
N ALA A 29 -12.62 -27.50 20.96
CA ALA A 29 -11.88 -28.02 22.10
C ALA A 29 -12.65 -27.76 23.38
N ALA A 30 -13.25 -26.59 23.49
CA ALA A 30 -13.97 -26.26 24.71
C ALA A 30 -15.18 -27.16 24.92
N CYS A 31 -15.90 -27.51 23.85
CA CYS A 31 -17.10 -28.33 23.95
C CYS A 31 -16.81 -29.82 23.85
N PHE A 32 -15.63 -30.20 23.37
CA PHE A 32 -15.25 -31.60 23.26
C PHE A 32 -13.85 -31.83 23.82
N PRO A 33 -13.59 -31.40 25.06
CA PRO A 33 -12.23 -31.57 25.59
C PRO A 33 -11.81 -33.01 25.66
N ASP A 34 -12.77 -33.93 25.81
CA ASP A 34 -12.42 -35.36 25.84
C ASP A 34 -11.85 -35.80 24.50
N ILE A 35 -12.34 -35.21 23.42
CA ILE A 35 -11.95 -35.66 22.09
C ILE A 35 -10.61 -35.06 21.67
N ILE A 36 -10.43 -33.76 21.88
CA ILE A 36 -9.19 -33.15 21.43
C ILE A 36 -8.02 -33.58 22.30
N SER A 37 -8.26 -33.92 23.56
CA SER A 37 -7.20 -34.43 24.42
C SER A 37 -6.98 -35.92 24.25
N GLY A 38 -7.76 -36.58 23.39
CA GLY A 38 -7.70 -38.02 23.23
C GLY A 38 -6.94 -38.43 21.99
N PRO A 39 -7.06 -39.70 21.62
CA PRO A 39 -6.29 -40.21 20.46
C PRO A 39 -6.68 -39.54 19.14
N GLN A 40 -5.71 -39.56 18.21
CA GLN A 40 -5.90 -38.92 16.90
C GLN A 40 -7.03 -39.55 16.12
N GLN A 41 -7.27 -40.85 16.31
CA GLN A 41 -8.30 -41.53 15.53
C GLN A 41 -9.68 -41.00 15.85
N THR A 42 -9.99 -40.78 17.12
CA THR A 42 -11.31 -40.25 17.45
C THR A 42 -11.46 -38.82 16.93
N GLN A 43 -10.39 -38.02 16.99
CA GLN A 43 -10.46 -36.66 16.45
C GLN A 43 -10.81 -36.68 14.97
N LYS A 44 -10.27 -37.65 14.23
CA LYS A 44 -10.60 -37.76 12.81
C LYS A 44 -12.06 -38.10 12.63
N VAL A 45 -12.59 -39.01 13.46
CA VAL A 45 -14.01 -39.36 13.41
C VAL A 45 -14.87 -38.14 13.73
N PHE A 46 -14.50 -37.41 14.78
CA PHE A 46 -15.19 -36.18 15.09
C PHE A 46 -15.16 -35.24 13.89
N LEU A 47 -13.97 -35.02 13.33
CA LEU A 47 -13.85 -34.04 12.26
C LEU A 47 -14.68 -34.43 11.05
N PHE A 48 -14.81 -35.73 10.78
CA PHE A 48 -15.64 -36.15 9.66
C PHE A 48 -17.10 -35.93 9.96
N ILE A 49 -17.54 -36.28 11.18
CA ILE A 49 -18.92 -36.07 11.56
C ILE A 49 -19.28 -34.59 11.43
N ARG A 50 -18.41 -33.72 11.94
CA ARG A 50 -18.65 -32.29 11.85
C ARG A 50 -18.72 -31.84 10.40
N ASN A 51 -17.73 -32.24 9.59
CA ASN A 51 -17.67 -31.79 8.20
C ASN A 51 -18.85 -32.32 7.39
N ARG A 52 -19.24 -33.57 7.64
CA ARG A 52 -20.37 -34.14 6.92
C ARG A 52 -21.69 -33.46 7.31
N THR A 53 -21.89 -33.19 8.60
CA THR A 53 -23.09 -32.49 9.03
C THR A 53 -23.16 -31.09 8.42
N LEU A 54 -22.03 -30.37 8.43
CA LEU A 54 -21.95 -29.11 7.71
C LEU A 54 -22.35 -29.29 6.25
N GLN A 55 -21.81 -30.32 5.59
CA GLN A 55 -22.09 -30.50 4.18
C GLN A 55 -23.57 -30.71 3.93
N LEU A 56 -24.19 -31.62 4.68
CA LEU A 56 -25.63 -31.86 4.52
C LEU A 56 -26.43 -30.56 4.66
N TRP A 57 -26.10 -29.76 5.68
CA TRP A 57 -26.77 -28.47 5.84
C TRP A 57 -26.51 -27.57 4.65
N LEU A 58 -25.25 -27.43 4.25
CA LEU A 58 -24.92 -26.53 3.15
C LEU A 58 -25.54 -27.00 1.85
N ASP A 59 -25.61 -28.31 1.63
CA ASP A 59 -26.15 -28.85 0.40
C ASP A 59 -27.65 -28.59 0.25
N ASN A 60 -28.30 -28.11 1.29
CA ASN A 60 -29.71 -27.73 1.22
C ASN A 60 -30.07 -26.91 2.46
N PRO A 61 -29.74 -25.62 2.47
CA PRO A 61 -29.99 -24.79 3.66
C PRO A 61 -31.39 -24.22 3.74
N LYS A 62 -32.32 -24.69 2.89
CA LYS A 62 -33.69 -24.23 2.94
C LYS A 62 -34.57 -25.03 3.89
N ILE A 63 -34.06 -26.13 4.48
CA ILE A 63 -34.82 -26.92 5.42
C ILE A 63 -33.93 -27.27 6.61
N GLN A 64 -34.56 -27.44 7.77
CA GLN A 64 -33.83 -27.72 9.00
C GLN A 64 -33.16 -29.09 8.95
N LEU A 65 -31.87 -29.12 9.25
CA LEU A 65 -31.13 -30.37 9.36
C LEU A 65 -31.25 -30.87 10.81
N THR A 66 -32.09 -31.86 11.03
CA THR A 66 -32.29 -32.38 12.38
C THR A 66 -31.29 -33.48 12.69
N PHE A 67 -31.10 -33.73 13.98
CA PHE A 67 -30.18 -34.78 14.39
C PHE A 67 -30.60 -36.12 13.80
N GLU A 68 -31.88 -36.46 13.86
CA GLU A 68 -32.36 -37.72 13.31
C GLU A 68 -32.04 -37.79 11.82
N ALA A 69 -32.28 -36.71 11.08
CA ALA A 69 -31.96 -36.69 9.67
C ALA A 69 -30.47 -36.88 9.44
N THR A 70 -29.64 -36.21 10.27
CA THR A 70 -28.20 -36.32 10.14
C THR A 70 -27.71 -37.75 10.32
N LEU A 71 -28.24 -38.45 11.32
CA LEU A 71 -27.75 -39.81 11.60
C LEU A 71 -28.06 -40.76 10.46
N GLN A 72 -29.27 -40.69 9.90
CA GLN A 72 -29.65 -41.56 8.81
C GLN A 72 -28.74 -41.39 7.59
N GLN A 73 -28.12 -40.22 7.46
CA GLN A 73 -27.27 -39.94 6.31
C GLN A 73 -25.81 -40.24 6.57
N LEU A 74 -25.38 -40.36 7.81
CA LEU A 74 -24.06 -40.88 8.12
C LEU A 74 -24.01 -42.39 7.87
N GLU A 75 -22.85 -42.85 7.39
CA GLU A 75 -22.63 -44.28 7.21
C GLU A 75 -21.59 -44.78 8.20
N ALA A 76 -21.62 -46.09 8.45
CA ALA A 76 -20.64 -46.71 9.32
C ALA A 76 -19.23 -46.44 8.79
N PRO A 77 -18.22 -46.35 9.67
CA PRO A 77 -18.30 -46.52 11.12
C PRO A 77 -18.78 -45.28 11.88
N TYR A 78 -19.07 -44.19 11.17
CA TYR A 78 -19.27 -42.89 11.82
C TYR A 78 -20.62 -42.75 12.51
N ASN A 79 -21.62 -43.54 12.14
CA ASN A 79 -22.93 -43.47 12.77
C ASN A 79 -23.10 -44.50 13.89
N SER A 80 -22.00 -44.94 14.50
CA SER A 80 -22.03 -45.94 15.55
C SER A 80 -22.05 -45.36 16.95
N ASP A 81 -21.36 -44.23 17.15
CA ASP A 81 -21.44 -43.50 18.42
C ASP A 81 -22.48 -42.41 18.19
N THR A 82 -23.74 -42.72 18.55
CA THR A 82 -24.81 -41.77 18.34
C THR A 82 -24.75 -40.61 19.32
N VAL A 83 -24.24 -40.86 20.53
CA VAL A 83 -23.99 -39.76 21.45
C VAL A 83 -23.04 -38.76 20.81
N LEU A 84 -21.96 -39.26 20.21
CA LEU A 84 -21.02 -38.36 19.55
C LEU A 84 -21.69 -37.57 18.43
N VAL A 85 -22.51 -38.23 17.62
CA VAL A 85 -23.18 -37.54 16.53
C VAL A 85 -24.16 -36.51 17.07
N HIS A 86 -24.96 -36.89 18.09
CA HIS A 86 -25.88 -35.93 18.68
C HIS A 86 -25.15 -34.74 19.28
N ARG A 87 -24.03 -34.98 19.96
CA ARG A 87 -23.25 -33.88 20.54
C ARG A 87 -22.77 -32.93 19.46
N VAL A 88 -22.23 -33.48 18.36
CA VAL A 88 -21.68 -32.65 17.30
C VAL A 88 -22.78 -31.85 16.63
N HIS A 89 -23.90 -32.52 16.33
CA HIS A 89 -25.03 -31.81 15.74
C HIS A 89 -25.46 -30.64 16.61
N SER A 90 -25.67 -30.89 17.90
CA SER A 90 -26.18 -29.83 18.77
C SER A 90 -25.18 -28.69 18.86
N TYR A 91 -23.89 -29.01 18.89
CA TYR A 91 -22.86 -27.97 18.89
C TYR A 91 -22.97 -27.08 17.66
N LEU A 92 -23.04 -27.70 16.49
CA LEU A 92 -23.21 -26.95 15.25
C LEU A 92 -24.48 -26.11 15.29
N GLU A 93 -25.58 -26.68 15.75
CA GLU A 93 -26.84 -25.94 15.81
C GLU A 93 -26.72 -24.73 16.74
N ARG A 94 -26.17 -24.94 17.94
CA ARG A 94 -26.13 -23.91 18.96
C ARG A 94 -25.26 -22.74 18.52
N HIS A 95 -24.16 -23.02 17.85
CA HIS A 95 -23.25 -21.98 17.41
C HIS A 95 -23.61 -21.45 16.04
N GLY A 96 -24.76 -21.85 15.50
CA GLY A 96 -25.23 -21.23 14.27
C GLY A 96 -24.49 -21.63 13.02
N LEU A 97 -23.82 -22.78 13.01
CA LEU A 97 -23.14 -23.25 11.83
C LEU A 97 -24.06 -24.07 10.93
N ILE A 98 -25.13 -24.62 11.48
CA ILE A 98 -26.20 -25.22 10.70
C ILE A 98 -27.50 -24.63 11.23
N ASN A 99 -28.52 -24.66 10.38
CA ASN A 99 -29.86 -24.18 10.77
C ASN A 99 -29.80 -22.75 11.30
N PHE A 100 -29.27 -21.85 10.47
CA PHE A 100 -29.28 -20.42 10.69
C PHE A 100 -29.90 -19.74 9.47
N GLY A 101 -30.33 -18.49 9.66
CA GLY A 101 -30.94 -17.77 8.55
C GLY A 101 -32.42 -18.11 8.47
N ILE A 102 -32.90 -18.41 7.27
CA ILE A 102 -34.31 -18.63 7.00
C ILE A 102 -34.49 -20.02 6.42
N TYR A 103 -35.06 -20.93 7.21
CA TYR A 103 -35.25 -22.33 6.81
C TYR A 103 -36.63 -22.80 7.23
N LYS A 104 -37.22 -23.67 6.42
CA LYS A 104 -38.47 -24.31 6.80
C LYS A 104 -38.22 -25.25 7.97
N ARG A 105 -39.01 -25.10 9.03
CA ARG A 105 -38.80 -25.87 10.24
C ARG A 105 -39.60 -27.16 10.18
N ILE A 106 -38.94 -28.28 10.50
CA ILE A 106 -39.60 -29.58 10.50
C ILE A 106 -40.53 -29.68 11.70
N LYS A 107 -39.95 -29.62 12.90
CA LYS A 107 -40.68 -29.63 14.16
C LYS A 107 -41.07 -28.19 14.50
N PRO A 108 -42.35 -27.83 14.41
CA PRO A 108 -42.76 -26.45 14.71
C PRO A 108 -42.33 -26.00 16.10
N LEU A 109 -42.09 -24.70 16.23
CA LEU A 109 -41.50 -24.10 17.43
C LEU A 109 -42.32 -24.44 18.67
N PRO A 110 -41.73 -25.11 19.67
CA PRO A 110 -42.47 -25.40 20.89
C PRO A 110 -42.95 -24.12 21.57
N THR A 111 -44.13 -24.21 22.19
CA THR A 111 -44.81 -23.05 22.75
C THR A 111 -44.25 -22.65 24.12
N LYS A 112 -43.68 -23.59 24.86
CA LYS A 112 -43.03 -23.26 26.13
C LYS A 112 -41.76 -22.47 25.82
N LYS A 113 -41.84 -21.15 25.98
CA LYS A 113 -40.65 -20.33 25.78
C LYS A 113 -39.90 -20.19 27.10
N THR A 114 -38.58 -20.29 27.04
CA THR A 114 -37.75 -20.21 28.23
C THR A 114 -36.83 -19.00 28.15
N GLY A 115 -36.91 -18.14 29.16
CA GLY A 115 -36.08 -16.96 29.24
C GLY A 115 -36.62 -15.81 28.40
N LYS A 116 -36.22 -14.60 28.77
CA LYS A 116 -36.65 -13.40 28.05
C LYS A 116 -35.43 -12.53 27.73
N VAL A 117 -35.24 -12.23 26.44
CA VAL A 117 -34.11 -11.45 25.93
C VAL A 117 -34.63 -10.23 25.19
N ILE A 118 -34.13 -9.05 25.55
CA ILE A 118 -34.36 -7.84 24.76
C ILE A 118 -33.15 -7.61 23.86
N ILE A 119 -33.39 -7.38 22.58
CA ILE A 119 -32.35 -7.09 21.61
C ILE A 119 -32.48 -5.64 21.18
N ILE A 120 -31.44 -4.85 21.40
CA ILE A 120 -31.40 -3.45 20.97
C ILE A 120 -30.83 -3.41 19.56
N GLY A 121 -31.62 -2.95 18.62
CA GLY A 121 -31.19 -2.79 17.24
C GLY A 121 -31.67 -3.95 16.40
N SER A 122 -32.29 -3.69 15.26
CA SER A 122 -32.66 -4.78 14.35
C SER A 122 -31.98 -4.62 13.01
N GLY A 123 -30.71 -4.22 13.03
CA GLY A 123 -29.84 -4.48 11.91
C GLY A 123 -29.62 -5.98 11.80
N VAL A 124 -28.67 -6.34 10.94
CA VAL A 124 -28.45 -7.75 10.62
C VAL A 124 -27.95 -8.51 11.85
N SER A 125 -27.05 -7.92 12.63
CA SER A 125 -26.55 -8.63 13.80
C SER A 125 -27.68 -8.92 14.77
N GLY A 126 -28.43 -7.88 15.15
CA GLY A 126 -29.59 -8.08 16.01
C GLY A 126 -30.59 -9.06 15.43
N LEU A 127 -30.81 -9.01 14.12
CA LEU A 127 -31.82 -9.90 13.55
C LEU A 127 -31.37 -11.34 13.56
N ALA A 128 -30.11 -11.58 13.20
CA ALA A 128 -29.59 -12.95 13.17
C ALA A 128 -29.63 -13.59 14.56
N ALA A 129 -29.16 -12.85 15.57
CA ALA A 129 -29.28 -13.36 16.95
C ALA A 129 -30.73 -13.70 17.28
N ALA A 130 -31.65 -12.75 17.01
CA ALA A 130 -33.04 -12.95 17.38
C ALA A 130 -33.61 -14.23 16.76
N ARG A 131 -33.38 -14.43 15.45
CA ARG A 131 -33.84 -15.65 14.81
C ARG A 131 -33.30 -16.87 15.54
N GLN A 132 -32.01 -16.87 15.83
CA GLN A 132 -31.40 -17.98 16.56
C GLN A 132 -32.06 -18.18 17.92
N LEU A 133 -32.12 -17.11 18.73
CA LEU A 133 -32.66 -17.22 20.08
C LEU A 133 -34.11 -17.70 20.07
N GLN A 134 -34.88 -17.29 19.07
CA GLN A 134 -36.22 -17.84 18.93
C GLN A 134 -36.17 -19.32 18.59
N SER A 135 -35.30 -19.71 17.65
CA SER A 135 -35.11 -21.13 17.32
C SER A 135 -34.78 -21.96 18.54
N PHE A 136 -34.09 -21.38 19.50
CA PHE A 136 -33.67 -22.09 20.69
C PHE A 136 -34.76 -22.12 21.75
N GLY A 137 -35.88 -21.45 21.52
CA GLY A 137 -37.00 -21.46 22.44
C GLY A 137 -37.12 -20.27 23.37
N MET A 138 -36.36 -19.21 23.17
CA MET A 138 -36.46 -18.07 24.07
C MET A 138 -37.51 -17.09 23.59
N ASP A 139 -37.95 -16.23 24.52
CA ASP A 139 -38.84 -15.12 24.21
C ASP A 139 -37.98 -13.90 23.88
N VAL A 140 -38.10 -13.41 22.64
CA VAL A 140 -37.20 -12.39 22.09
C VAL A 140 -38.00 -11.19 21.60
N THR A 141 -37.63 -10.01 22.07
CA THR A 141 -38.17 -8.78 21.49
C THR A 141 -37.01 -7.89 21.06
N LEU A 142 -37.11 -7.34 19.85
CA LEU A 142 -36.15 -6.36 19.34
C LEU A 142 -36.70 -4.95 19.46
N LEU A 143 -35.84 -4.03 19.90
CA LEU A 143 -36.18 -2.61 19.98
C LEU A 143 -35.39 -1.85 18.92
N GLU A 144 -36.10 -1.24 17.98
CA GLU A 144 -35.49 -0.55 16.84
C GLU A 144 -35.93 0.92 16.83
N ALA A 145 -34.94 1.82 16.86
CA ALA A 145 -35.22 3.25 16.84
C ALA A 145 -35.85 3.69 15.51
N ARG A 146 -35.33 3.19 14.38
CA ARG A 146 -35.84 3.61 13.08
C ARG A 146 -37.24 3.05 12.85
N ASP A 147 -37.82 3.43 11.71
CA ASP A 147 -39.12 2.92 11.28
C ASP A 147 -39.00 1.73 10.33
N ARG A 148 -37.86 1.03 10.37
CA ARG A 148 -37.59 -0.04 9.43
C ARG A 148 -36.52 -0.91 10.06
N VAL A 149 -36.37 -2.13 9.52
CA VAL A 149 -35.27 -2.98 9.94
C VAL A 149 -34.05 -2.73 9.05
N GLY A 150 -32.93 -3.39 9.37
CA GLY A 150 -31.77 -3.42 8.53
C GLY A 150 -30.63 -2.52 8.97
N GLY A 151 -30.92 -1.48 9.73
CA GLY A 151 -29.85 -0.62 10.19
C GLY A 151 -29.08 -0.03 9.02
N ARG A 152 -27.78 -0.31 9.00
CA ARG A 152 -26.89 0.14 7.93
C ARG A 152 -27.02 -0.68 6.64
N VAL A 153 -27.98 -1.61 6.57
CA VAL A 153 -28.47 -2.12 5.30
C VAL A 153 -29.78 -1.40 5.01
N ALA A 154 -29.73 -0.49 4.02
CA ALA A 154 -30.73 0.55 3.84
C ALA A 154 -30.88 0.79 2.35
N THR A 155 -31.98 0.31 1.77
CA THR A 155 -32.22 0.34 0.33
C THR A 155 -33.21 1.43 -0.02
N PHE A 156 -32.78 2.38 -0.84
CA PHE A 156 -33.71 3.37 -1.38
C PHE A 156 -34.60 2.69 -2.42
N ARG A 157 -35.91 2.95 -2.35
CA ARG A 157 -36.88 2.42 -3.32
C ARG A 157 -37.91 3.49 -3.66
N LYS A 158 -37.98 3.85 -4.93
CA LYS A 158 -39.01 4.74 -5.45
C LYS A 158 -39.29 4.29 -6.89
N GLY A 159 -40.52 3.88 -7.16
CA GLY A 159 -40.85 3.40 -8.50
C GLY A 159 -40.06 2.17 -8.88
N ASN A 160 -39.47 2.20 -10.07
CA ASN A 160 -38.53 1.17 -10.51
C ASN A 160 -37.12 1.38 -9.98
N TYR A 161 -36.86 2.50 -9.28
CA TYR A 161 -35.52 2.79 -8.81
C TYR A 161 -35.24 2.06 -7.49
N VAL A 162 -34.15 1.32 -7.46
CA VAL A 162 -33.70 0.57 -6.29
C VAL A 162 -32.21 0.80 -6.14
N ALA A 163 -31.80 1.32 -4.99
CA ALA A 163 -30.38 1.62 -4.82
C ALA A 163 -30.04 1.62 -3.34
N ASP A 164 -28.85 1.12 -3.00
CA ASP A 164 -28.47 0.86 -1.62
C ASP A 164 -27.68 2.03 -1.04
N LEU A 165 -28.17 2.59 0.06
CA LEU A 165 -27.46 3.68 0.71
C LEU A 165 -26.43 3.21 1.72
N GLY A 166 -26.49 1.94 2.14
CA GLY A 166 -25.46 1.40 3.00
C GLY A 166 -24.73 0.27 2.29
N ALA A 167 -24.69 -0.90 2.92
CA ALA A 167 -24.01 -2.03 2.32
C ALA A 167 -24.62 -2.37 0.95
N MET A 168 -23.75 -2.75 0.01
CA MET A 168 -24.18 -3.05 -1.36
C MET A 168 -23.35 -4.14 -2.01
N VAL A 169 -22.25 -4.53 -1.39
CA VAL A 169 -21.34 -5.52 -1.94
C VAL A 169 -21.36 -6.75 -1.05
N VAL A 170 -21.60 -7.91 -1.66
CA VAL A 170 -21.31 -9.20 -1.04
C VAL A 170 -19.91 -9.59 -1.49
N THR A 171 -18.98 -9.73 -0.55
CA THR A 171 -17.63 -10.19 -0.90
C THR A 171 -17.68 -11.62 -1.40
N GLY A 172 -16.53 -12.21 -1.75
CA GLY A 172 -16.51 -13.56 -2.30
C GLY A 172 -17.43 -14.52 -1.57
N LEU A 173 -18.10 -15.41 -2.29
CA LEU A 173 -19.02 -16.35 -1.64
C LEU A 173 -18.31 -17.53 -0.98
N GLY A 174 -17.03 -17.75 -1.25
CA GLY A 174 -16.31 -18.86 -0.67
C GLY A 174 -15.97 -18.62 0.79
N GLY A 175 -16.64 -19.34 1.70
CA GLY A 175 -16.52 -19.11 3.11
C GLY A 175 -17.46 -18.08 3.67
N ASN A 176 -18.29 -17.49 2.84
CA ASN A 176 -19.09 -16.34 3.22
C ASN A 176 -20.47 -16.84 3.65
N PRO A 177 -20.94 -16.51 4.87
CA PRO A 177 -22.26 -17.00 5.27
C PRO A 177 -23.37 -16.36 4.49
N MET A 178 -23.11 -15.23 3.81
CA MET A 178 -24.11 -14.68 2.90
C MET A 178 -24.42 -15.61 1.75
N ALA A 179 -23.53 -16.57 1.45
CA ALA A 179 -23.84 -17.55 0.42
C ALA A 179 -25.03 -18.39 0.82
N VAL A 180 -25.04 -18.89 2.06
CA VAL A 180 -26.21 -19.62 2.55
C VAL A 180 -27.44 -18.73 2.51
N VAL A 181 -27.32 -17.50 2.98
CA VAL A 181 -28.46 -16.59 3.01
C VAL A 181 -29.00 -16.38 1.61
N SER A 182 -28.12 -16.21 0.63
CA SER A 182 -28.55 -15.99 -0.76
C SER A 182 -29.27 -17.19 -1.35
N LYS A 183 -29.05 -18.40 -0.84
CA LYS A 183 -29.87 -19.51 -1.27
C LYS A 183 -31.20 -19.54 -0.53
N GLN A 184 -31.32 -18.78 0.57
CA GLN A 184 -32.53 -18.73 1.36
C GLN A 184 -33.43 -17.55 0.98
N VAL A 185 -32.83 -16.45 0.55
CA VAL A 185 -33.56 -15.25 0.14
C VAL A 185 -33.31 -15.05 -1.35
N ASN A 186 -34.34 -14.61 -2.06
CA ASN A 186 -34.13 -14.19 -3.45
C ASN A 186 -33.26 -12.94 -3.48
N MET A 187 -31.96 -13.12 -3.62
CA MET A 187 -31.04 -12.03 -3.90
C MET A 187 -30.61 -12.17 -5.34
N GLU A 188 -30.74 -11.10 -6.11
CA GLU A 188 -30.24 -11.10 -7.49
C GLU A 188 -28.79 -10.65 -7.40
N LEU A 189 -27.90 -11.62 -7.16
CA LEU A 189 -26.47 -11.33 -7.09
C LEU A 189 -25.86 -11.24 -8.48
N ALA A 190 -25.03 -10.22 -8.68
CA ALA A 190 -24.40 -9.98 -9.96
C ALA A 190 -22.93 -9.66 -9.74
N LYS A 191 -22.06 -10.26 -10.55
CA LYS A 191 -20.64 -10.02 -10.38
C LYS A 191 -20.32 -8.55 -10.66
N ILE A 192 -19.37 -8.02 -9.91
CA ILE A 192 -18.84 -6.69 -10.12
C ILE A 192 -17.57 -6.83 -10.95
N LYS A 193 -17.64 -6.47 -12.24
CA LYS A 193 -16.42 -6.45 -13.05
C LYS A 193 -15.49 -5.37 -12.50
N GLN A 194 -14.25 -5.75 -12.20
CA GLN A 194 -13.40 -4.83 -11.45
C GLN A 194 -12.76 -3.75 -12.31
N LYS A 195 -12.88 -3.81 -13.64
CA LYS A 195 -12.28 -2.80 -14.50
C LYS A 195 -12.87 -1.43 -14.21
N CYS A 196 -12.00 -0.43 -14.00
CA CYS A 196 -12.44 0.87 -13.51
C CYS A 196 -11.64 1.98 -14.14
N PRO A 197 -12.09 2.50 -15.28
CA PRO A 197 -11.36 3.59 -15.93
C PRO A 197 -11.44 4.86 -15.10
N LEU A 198 -10.34 5.62 -15.09
CA LEU A 198 -10.24 6.88 -14.37
C LEU A 198 -10.28 8.04 -15.35
N TYR A 199 -10.94 9.12 -14.95
CA TYR A 199 -10.96 10.34 -15.73
C TYR A 199 -10.41 11.46 -14.85
N GLU A 200 -9.34 12.10 -15.30
CA GLU A 200 -8.79 13.24 -14.60
C GLU A 200 -9.82 14.36 -14.50
N ALA A 201 -9.54 15.33 -13.62
CA ALA A 201 -10.51 16.38 -13.32
C ALA A 201 -11.06 17.06 -14.57
N ASN A 202 -10.29 17.11 -15.65
CA ASN A 202 -10.71 17.71 -16.91
C ASN A 202 -11.55 16.78 -17.78
N GLY A 203 -12.01 15.66 -17.24
CA GLY A 203 -12.85 14.75 -17.98
C GLY A 203 -12.14 13.83 -18.96
N GLN A 204 -10.86 14.07 -19.25
CA GLN A 204 -10.12 13.17 -20.13
C GLN A 204 -9.75 11.89 -19.40
N ALA A 205 -9.78 10.78 -20.12
CA ALA A 205 -9.41 9.50 -19.53
C ALA A 205 -7.92 9.46 -19.23
N VAL A 206 -7.56 8.71 -18.19
CA VAL A 206 -6.15 8.49 -17.85
C VAL A 206 -5.59 7.48 -18.84
N PRO A 207 -4.55 7.81 -19.59
CA PRO A 207 -3.99 6.86 -20.55
C PRO A 207 -3.55 5.57 -19.87
N LYS A 208 -3.65 4.47 -20.61
CA LYS A 208 -3.42 3.14 -20.04
C LYS A 208 -2.03 3.01 -19.43
N GLU A 209 -1.03 3.63 -20.06
CA GLU A 209 0.32 3.62 -19.51
C GLU A 209 0.36 4.22 -18.12
N LYS A 210 -0.34 5.34 -17.92
CA LYS A 210 -0.25 6.05 -16.65
C LYS A 210 -1.10 5.39 -15.58
N ASP A 211 -2.29 4.90 -15.95
CA ASP A 211 -3.12 4.18 -14.99
C ASP A 211 -2.34 3.03 -14.36
N GLU A 212 -1.54 2.33 -15.16
CA GLU A 212 -0.83 1.16 -14.65
C GLU A 212 0.44 1.56 -13.90
N MET A 213 1.20 2.51 -14.43
CA MET A 213 2.40 2.97 -13.73
C MET A 213 2.08 3.39 -12.30
N VAL A 214 0.95 4.08 -12.11
CA VAL A 214 0.62 4.65 -10.81
C VAL A 214 -0.04 3.62 -9.92
N GLU A 215 -0.93 2.79 -10.46
CA GLU A 215 -1.46 1.71 -9.63
C GLU A 215 -0.34 0.84 -9.08
N GLN A 216 0.64 0.52 -9.93
CA GLN A 216 1.78 -0.28 -9.46
C GLN A 216 2.55 0.46 -8.39
N GLU A 217 2.79 1.75 -8.61
CA GLU A 217 3.48 2.54 -7.60
C GLU A 217 2.65 2.60 -6.32
N PHE A 218 1.32 2.70 -6.45
CA PHE A 218 0.48 2.69 -5.27
C PHE A 218 0.66 1.40 -4.49
N ASN A 219 0.62 0.26 -5.19
CA ASN A 219 0.81 -1.02 -4.50
C ASN A 219 2.19 -1.11 -3.86
N ARG A 220 3.22 -0.64 -4.55
CA ARG A 220 4.58 -0.67 -3.99
C ARG A 220 4.69 0.24 -2.76
N LEU A 221 4.06 1.42 -2.81
CA LEU A 221 4.04 2.26 -1.61
C LEU A 221 3.38 1.55 -0.43
N LEU A 222 2.37 0.72 -0.68
CA LEU A 222 1.76 0.03 0.45
C LEU A 222 2.70 -1.02 1.02
N GLU A 223 3.26 -1.88 0.16
CA GLU A 223 4.31 -2.80 0.57
C GLU A 223 5.35 -2.08 1.43
N ALA A 224 5.80 -0.93 0.94
CA ALA A 224 6.86 -0.19 1.62
C ALA A 224 6.44 0.18 3.05
N THR A 225 5.20 0.64 3.26
CA THR A 225 4.79 0.94 4.64
C THR A 225 4.82 -0.33 5.49
N SER A 226 4.47 -1.46 4.88
CA SER A 226 4.51 -2.72 5.63
C SER A 226 5.92 -3.11 5.98
N TYR A 227 6.86 -2.97 5.04
CA TYR A 227 8.27 -3.10 5.37
C TYR A 227 8.64 -2.15 6.49
N LEU A 228 8.25 -0.88 6.34
CA LEU A 228 8.51 0.12 7.36
C LEU A 228 7.95 -0.30 8.71
N SER A 229 6.83 -1.02 8.72
CA SER A 229 6.21 -1.42 9.98
C SER A 229 6.91 -2.63 10.60
N HIS A 230 7.22 -3.64 9.78
CA HIS A 230 7.70 -4.91 10.33
C HIS A 230 9.22 -4.97 10.45
N GLN A 231 9.95 -4.41 9.49
CA GLN A 231 11.39 -4.58 9.47
C GLN A 231 12.13 -3.45 10.18
N LEU A 232 11.58 -2.24 10.17
CA LEU A 232 12.19 -1.11 10.85
C LEU A 232 11.47 -0.77 12.15
N ASP A 233 10.48 -1.56 12.54
CA ASP A 233 9.70 -1.38 13.76
C ASP A 233 9.26 0.08 13.91
N PHE A 234 8.88 0.70 12.80
CA PHE A 234 8.51 2.12 12.77
C PHE A 234 7.02 2.24 13.10
N ASN A 235 6.71 1.99 14.37
CA ASN A 235 5.33 1.95 14.80
C ASN A 235 4.96 2.99 15.84
N VAL A 236 5.94 3.68 16.42
CA VAL A 236 5.69 4.77 17.35
C VAL A 236 6.60 5.94 16.97
N LEU A 237 6.03 7.13 16.89
CA LEU A 237 6.81 8.33 16.57
C LEU A 237 6.30 9.49 17.41
N ASN A 238 7.23 10.11 18.15
CA ASN A 238 6.90 11.20 19.07
C ASN A 238 5.87 10.74 20.10
N ASN A 239 6.05 9.50 20.58
CA ASN A 239 5.28 8.93 21.67
C ASN A 239 3.84 8.62 21.27
N LYS A 240 3.53 8.60 19.98
CA LYS A 240 2.19 8.31 19.51
C LYS A 240 2.23 7.22 18.44
N PRO A 241 1.14 6.46 18.29
CA PRO A 241 1.13 5.39 17.29
C PRO A 241 1.13 5.93 15.88
N VAL A 242 1.96 5.34 15.05
CA VAL A 242 2.12 5.73 13.66
C VAL A 242 0.90 5.27 12.88
N SER A 243 0.44 6.10 11.94
CA SER A 243 -0.68 5.73 11.10
C SER A 243 -0.21 5.34 9.70
N LEU A 244 -1.11 4.69 8.97
CA LEU A 244 -0.82 4.36 7.58
C LEU A 244 -0.51 5.62 6.78
N GLY A 245 -1.29 6.68 6.97
CA GLY A 245 -1.02 7.97 6.38
C GLY A 245 0.39 8.47 6.62
N GLN A 246 0.81 8.61 7.89
CA GLN A 246 2.17 9.05 8.17
C GLN A 246 3.19 8.19 7.44
N ALA A 247 3.01 6.86 7.52
CA ALA A 247 3.97 5.96 6.91
C ALA A 247 4.08 6.21 5.42
N LEU A 248 2.94 6.41 4.74
CA LEU A 248 2.99 6.72 3.32
C LEU A 248 3.71 8.05 3.06
N GLU A 249 3.45 9.08 3.86
CA GLU A 249 4.22 10.33 3.76
C GLU A 249 5.71 10.03 3.85
N VAL A 250 6.13 9.32 4.90
CA VAL A 250 7.55 9.06 5.08
C VAL A 250 8.11 8.28 3.90
N VAL A 251 7.36 7.31 3.40
CA VAL A 251 7.85 6.53 2.26
C VAL A 251 7.98 7.43 1.02
N ILE A 252 6.99 8.29 0.80
CA ILE A 252 7.03 9.16 -0.37
C ILE A 252 8.16 10.17 -0.25
N GLN A 253 8.33 10.75 0.94
CA GLN A 253 9.47 11.65 1.17
C GLN A 253 10.79 10.97 0.83
N LEU A 254 10.96 9.71 1.25
CA LEU A 254 12.22 9.02 0.98
C LEU A 254 12.40 8.69 -0.50
N GLN A 255 11.30 8.49 -1.25
CA GLN A 255 11.46 8.26 -2.67
C GLN A 255 11.79 9.54 -3.40
N GLU A 256 11.27 10.67 -2.92
CA GLU A 256 11.69 11.96 -3.45
C GLU A 256 13.13 12.27 -3.07
N LYS A 257 13.57 11.84 -1.88
CA LYS A 257 14.96 12.01 -1.48
C LYS A 257 15.88 11.18 -2.36
N HIS A 258 15.51 9.93 -2.61
CA HIS A 258 16.36 9.09 -3.44
C HIS A 258 16.49 9.66 -4.86
N VAL A 259 15.45 10.31 -5.36
CA VAL A 259 15.55 10.89 -6.70
C VAL A 259 16.55 12.04 -6.70
N LYS A 260 16.54 12.87 -5.66
CA LYS A 260 17.53 13.93 -5.56
C LYS A 260 18.91 13.38 -5.28
N ASP A 261 19.01 12.34 -4.44
CA ASP A 261 20.32 11.71 -4.21
C ASP A 261 20.90 11.19 -5.52
N GLU A 262 20.05 10.63 -6.38
CA GLU A 262 20.50 10.05 -7.65
C GLU A 262 20.91 11.15 -8.62
N GLN A 263 20.20 12.28 -8.60
CA GLN A 263 20.58 13.43 -9.41
C GLN A 263 21.93 13.97 -8.99
N ILE A 264 22.15 14.13 -7.68
CA ILE A 264 23.42 14.66 -7.20
C ILE A 264 24.56 13.71 -7.56
N GLU A 265 24.36 12.40 -7.34
CA GLU A 265 25.39 11.44 -7.72
C GLU A 265 25.72 11.56 -9.21
N HIS A 266 24.70 11.82 -10.04
CA HIS A 266 24.91 11.86 -11.48
C HIS A 266 25.73 13.08 -11.88
N TRP A 267 25.28 14.27 -11.49
CA TRP A 267 26.04 15.46 -11.82
C TRP A 267 27.42 15.47 -11.17
N LYS A 268 27.59 14.77 -10.04
CA LYS A 268 28.94 14.67 -9.46
C LYS A 268 29.88 13.85 -10.33
N LYS A 269 29.37 12.83 -11.04
CA LYS A 269 30.21 12.10 -12.00
C LYS A 269 30.57 12.97 -13.18
N ILE A 270 29.71 13.92 -13.52
CA ILE A 270 30.05 14.87 -14.57
C ILE A 270 31.11 15.85 -14.10
N VAL A 271 30.98 16.35 -12.86
CA VAL A 271 31.98 17.27 -12.35
C VAL A 271 33.33 16.59 -12.22
N LYS A 272 33.35 15.36 -11.71
CA LYS A 272 34.61 14.64 -11.60
C LYS A 272 35.27 14.49 -12.96
N THR A 273 34.47 14.27 -14.01
CA THR A 273 34.98 14.06 -15.35
C THR A 273 35.38 15.37 -16.02
N GLN A 274 34.54 16.40 -15.90
CA GLN A 274 34.95 17.72 -16.35
C GLN A 274 36.28 18.12 -15.72
N GLU A 275 36.44 17.87 -14.43
CA GLU A 275 37.68 18.30 -13.77
C GLU A 275 38.86 17.48 -14.24
N GLU A 276 38.67 16.18 -14.47
CA GLU A 276 39.71 15.37 -15.07
C GLU A 276 40.10 15.90 -16.45
N LEU A 277 39.11 16.43 -17.17
CA LEU A 277 39.34 17.01 -18.49
C LEU A 277 40.01 18.38 -18.39
N LYS A 278 39.57 19.21 -17.43
CA LYS A 278 40.26 20.48 -17.19
C LYS A 278 41.75 20.25 -16.95
N GLU A 279 42.08 19.29 -16.09
CA GLU A 279 43.48 19.02 -15.80
C GLU A 279 44.21 18.56 -17.06
N LEU A 280 43.53 17.78 -17.89
CA LEU A 280 44.14 17.29 -19.12
C LEU A 280 44.35 18.41 -20.13
N LEU A 281 43.39 19.32 -20.24
CA LEU A 281 43.56 20.44 -21.17
C LEU A 281 44.70 21.35 -20.74
N ASN A 282 44.79 21.68 -19.45
CA ASN A 282 45.93 22.48 -18.97
C ASN A 282 47.25 21.79 -19.31
N LYS A 283 47.29 20.47 -19.22
CA LYS A 283 48.51 19.75 -19.57
C LYS A 283 48.79 19.88 -21.06
N MET A 284 47.75 20.03 -21.88
CA MET A 284 47.95 20.14 -23.31
C MET A 284 48.33 21.56 -23.74
N VAL A 285 47.67 22.61 -23.23
CA VAL A 285 48.07 23.95 -23.67
C VAL A 285 49.50 24.26 -23.26
N ASN A 286 49.97 23.71 -22.14
CA ASN A 286 51.36 23.91 -21.76
C ASN A 286 52.29 23.11 -22.66
N LEU A 287 51.88 21.89 -23.00
CA LEU A 287 52.67 21.07 -23.90
C LEU A 287 52.68 21.64 -25.30
N LYS A 288 51.55 22.21 -25.74
CA LYS A 288 51.53 22.86 -27.05
C LYS A 288 52.50 24.03 -27.08
N GLU A 289 52.52 24.85 -26.03
CA GLU A 289 53.45 25.97 -26.00
C GLU A 289 54.89 25.47 -25.98
N LYS A 290 55.16 24.44 -25.19
CA LYS A 290 56.50 23.89 -25.13
C LYS A 290 56.91 23.33 -26.49
N ILE A 291 55.98 22.70 -27.19
CA ILE A 291 56.24 22.21 -28.55
C ILE A 291 56.47 23.39 -29.50
N LYS A 292 55.60 24.40 -29.43
CA LYS A 292 55.76 25.59 -30.26
C LYS A 292 57.16 26.21 -30.10
N GLU A 293 57.61 26.37 -28.87
CA GLU A 293 58.92 26.96 -28.62
C GLU A 293 60.05 26.04 -29.08
N LEU A 294 59.86 24.74 -28.95
CA LEU A 294 60.90 23.79 -29.33
C LEU A 294 61.08 23.77 -30.84
N HIS A 295 59.97 23.77 -31.57
CA HIS A 295 60.02 23.83 -33.03
C HIS A 295 60.84 25.03 -33.49
N GLN A 296 60.59 26.20 -32.90
CA GLN A 296 61.37 27.38 -33.25
C GLN A 296 62.86 27.12 -33.05
N GLN A 297 63.22 26.43 -31.97
CA GLN A 297 64.63 26.09 -31.77
C GLN A 297 65.14 25.16 -32.87
N TYR A 298 64.42 24.06 -33.13
CA TYR A 298 64.81 23.19 -34.24
C TYR A 298 64.94 23.96 -35.54
N LYS A 299 64.04 24.92 -35.77
CA LYS A 299 64.11 25.69 -37.00
C LYS A 299 65.37 26.55 -37.04
N GLU A 300 65.70 27.22 -35.93
CA GLU A 300 66.91 28.04 -35.93
C GLU A 300 68.17 27.18 -36.08
N ALA A 301 68.19 26.01 -35.43
CA ALA A 301 69.39 25.19 -35.49
C ALA A 301 69.57 24.56 -36.86
N SER A 302 68.47 24.16 -37.49
CA SER A 302 68.59 23.56 -38.81
C SER A 302 68.82 24.58 -39.93
N GLU A 303 68.63 25.87 -39.65
CA GLU A 303 68.97 26.91 -40.62
C GLU A 303 70.42 27.36 -40.53
N VAL A 304 71.20 26.86 -39.57
CA VAL A 304 72.65 26.98 -39.63
C VAL A 304 73.13 26.05 -40.74
N LYS A 305 73.31 26.60 -41.95
CA LYS A 305 73.56 25.78 -43.12
C LYS A 305 74.86 24.99 -42.97
N PRO A 306 74.89 23.74 -43.41
CA PRO A 306 76.12 22.96 -43.38
C PRO A 306 77.13 23.49 -44.38
N PRO A 307 78.41 23.12 -44.25
CA PRO A 307 78.91 22.09 -43.32
C PRO A 307 79.00 22.60 -41.89
N ARG A 308 78.62 21.79 -40.91
CA ARG A 308 78.64 22.26 -39.53
C ARG A 308 79.51 21.36 -38.69
N ASP A 309 79.95 21.87 -37.56
CA ASP A 309 80.72 20.98 -36.70
C ASP A 309 79.74 20.07 -35.96
N ILE A 310 80.29 19.09 -35.25
CA ILE A 310 79.43 18.01 -34.80
C ILE A 310 78.54 18.44 -33.65
N THR A 311 78.86 19.53 -32.94
CA THR A 311 77.92 20.02 -31.93
C THR A 311 76.72 20.69 -32.58
N ALA A 312 76.96 21.45 -33.67
CA ALA A 312 75.88 22.07 -34.42
C ALA A 312 74.97 21.01 -35.04
N GLU A 313 75.55 19.89 -35.47
CA GLU A 313 74.74 18.79 -35.97
C GLU A 313 73.97 18.12 -34.85
N PHE A 314 74.64 17.90 -33.71
CA PHE A 314 73.94 17.31 -32.57
C PHE A 314 72.77 18.18 -32.15
N LEU A 315 72.90 19.51 -32.27
CA LEU A 315 71.81 20.39 -31.88
C LEU A 315 70.58 20.17 -32.75
N VAL A 316 70.77 20.11 -34.06
CA VAL A 316 69.65 19.82 -34.97
C VAL A 316 69.03 18.48 -34.64
N LYS A 317 69.86 17.43 -34.57
CA LYS A 317 69.31 16.08 -34.42
C LYS A 317 68.67 15.86 -33.05
N SER A 318 69.15 16.54 -32.00
CA SER A 318 68.56 16.30 -30.69
C SER A 318 67.33 17.17 -30.46
N LYS A 319 67.31 18.41 -30.98
CA LYS A 319 66.05 19.14 -30.98
C LYS A 319 64.98 18.37 -31.74
N HIS A 320 65.37 17.81 -32.90
CA HIS A 320 64.47 16.95 -33.66
C HIS A 320 63.91 15.82 -32.79
N ARG A 321 64.79 15.09 -32.12
CA ARG A 321 64.35 13.98 -31.29
C ARG A 321 63.45 14.47 -30.15
N ASP A 322 63.89 15.54 -29.47
CA ASP A 322 63.09 16.10 -28.38
C ASP A 322 61.71 16.52 -28.87
N LEU A 323 61.63 17.04 -30.09
CA LEU A 323 60.35 17.52 -30.61
C LEU A 323 59.41 16.37 -30.93
N THR A 324 59.91 15.31 -31.57
CA THR A 324 59.02 14.20 -31.89
C THR A 324 58.50 13.53 -30.64
N ALA A 325 59.31 13.47 -29.58
CA ALA A 325 58.86 12.90 -28.31
C ALA A 325 57.72 13.73 -27.72
N LEU A 326 57.87 15.05 -27.68
CA LEU A 326 56.80 15.90 -27.17
C LEU A 326 55.55 15.79 -28.04
N CYS A 327 55.72 15.63 -29.36
CA CYS A 327 54.57 15.38 -30.21
C CYS A 327 53.95 14.02 -29.92
N LYS A 328 54.77 13.03 -29.59
CA LYS A 328 54.20 11.75 -29.17
C LYS A 328 53.47 11.89 -27.84
N GLU A 329 54.08 12.59 -26.88
CA GLU A 329 53.39 12.86 -25.62
C GLU A 329 52.08 13.61 -25.85
N TYR A 330 52.08 14.59 -26.76
CA TYR A 330 50.85 15.35 -27.02
C TYR A 330 49.82 14.51 -27.77
N ASP A 331 50.25 13.59 -28.63
CA ASP A 331 49.28 12.78 -29.37
C ASP A 331 48.53 11.82 -28.43
N GLU A 332 49.22 11.31 -27.41
CA GLU A 332 48.57 10.46 -26.43
C GLU A 332 47.59 11.26 -25.57
N LEU A 333 47.99 12.47 -25.15
CA LEU A 333 47.10 13.30 -24.36
C LEU A 333 45.86 13.69 -25.14
N ALA A 334 45.93 13.70 -26.47
CA ALA A 334 44.75 14.03 -27.24
C ALA A 334 43.88 12.80 -27.48
N GLU A 335 44.48 11.60 -27.47
CA GLU A 335 43.68 10.38 -27.46
C GLU A 335 42.88 10.26 -26.17
N THR A 336 43.47 10.70 -25.05
CA THR A 336 42.75 10.70 -23.78
C THR A 336 41.67 11.77 -23.76
N GLN A 337 41.87 12.88 -24.46
CA GLN A 337 40.84 13.91 -24.52
C GLN A 337 39.58 13.41 -25.22
N GLY A 338 39.74 12.54 -26.23
CA GLY A 338 38.56 12.00 -26.89
C GLY A 338 37.84 10.97 -26.03
N LYS A 339 38.61 10.17 -25.28
CA LYS A 339 38.01 9.20 -24.37
C LYS A 339 37.19 9.88 -23.27
N LEU A 340 37.61 11.08 -22.84
CA LEU A 340 36.89 11.78 -21.80
C LEU A 340 35.68 12.53 -22.35
N GLU A 341 35.83 13.20 -23.50
CA GLU A 341 34.67 13.82 -24.12
C GLU A 341 33.61 12.81 -24.50
N GLU A 342 33.96 11.53 -24.57
CA GLU A 342 32.97 10.48 -24.78
C GLU A 342 32.16 10.25 -23.51
N LYS A 343 32.83 9.88 -22.41
CA LYS A 343 32.18 9.73 -21.11
C LYS A 343 31.28 10.91 -20.80
N LEU A 344 31.80 12.11 -20.99
CA LEU A 344 31.10 13.33 -20.69
C LEU A 344 29.84 13.53 -21.55
N GLN A 345 29.82 12.98 -22.77
CA GLN A 345 28.62 13.08 -23.60
C GLN A 345 27.65 11.95 -23.35
N GLU A 346 28.14 10.78 -22.95
CA GLU A 346 27.27 9.71 -22.52
C GLU A 346 26.55 10.07 -21.22
N LEU A 347 27.31 10.54 -20.23
CA LEU A 347 26.72 11.03 -18.99
C LEU A 347 25.72 12.16 -19.27
N GLU A 348 26.12 13.15 -20.07
CA GLU A 348 25.23 14.24 -20.42
C GLU A 348 23.94 13.75 -21.10
N ALA A 349 23.84 12.47 -21.42
CA ALA A 349 22.66 11.93 -22.11
C ALA A 349 21.95 10.83 -21.33
N ASN A 350 22.42 10.49 -20.12
CA ASN A 350 21.81 9.46 -19.29
C ASN A 350 21.23 10.02 -17.99
N PRO A 351 20.53 11.16 -18.01
CA PRO A 351 20.15 11.80 -16.74
C PRO A 351 19.08 10.98 -16.05
N PRO A 352 19.26 10.67 -14.77
CA PRO A 352 18.22 9.95 -14.03
C PRO A 352 16.92 10.75 -13.99
N SER A 353 15.89 10.09 -13.46
CA SER A 353 14.56 10.67 -13.42
C SER A 353 14.56 12.04 -12.76
N ASP A 354 13.80 12.96 -13.37
CA ASP A 354 13.70 14.34 -12.92
C ASP A 354 12.88 14.46 -11.63
N VAL A 355 11.81 13.69 -11.51
CA VAL A 355 10.87 13.80 -10.41
C VAL A 355 10.41 12.41 -10.02
N TYR A 356 10.06 12.25 -8.73
CA TYR A 356 9.44 10.99 -8.31
C TYR A 356 8.04 10.83 -8.89
N LEU A 357 7.18 11.83 -8.69
CA LEU A 357 5.85 11.83 -9.27
C LEU A 357 5.51 13.23 -9.75
N SER A 358 5.02 13.33 -10.98
CA SER A 358 4.52 14.61 -11.45
C SER A 358 3.20 14.94 -10.77
N SER A 359 2.75 16.18 -10.96
CA SER A 359 1.49 16.61 -10.37
C SER A 359 0.32 15.75 -10.87
N ARG A 360 0.34 15.39 -12.15
CA ARG A 360 -0.69 14.48 -12.66
C ARG A 360 -0.57 13.11 -12.01
N ASP A 361 0.67 12.60 -11.94
CA ASP A 361 0.93 11.36 -11.23
C ASP A 361 0.34 11.40 -9.82
N ARG A 362 0.74 12.41 -9.04
CA ARG A 362 0.33 12.49 -7.65
C ARG A 362 -1.19 12.52 -7.50
N GLN A 363 -1.88 13.18 -8.43
CA GLN A 363 -3.34 13.21 -8.37
C GLN A 363 -3.93 11.83 -8.61
N ILE A 364 -3.44 11.11 -9.61
CA ILE A 364 -3.93 9.76 -9.83
C ILE A 364 -3.58 8.87 -8.64
N LEU A 365 -2.39 9.05 -8.08
CA LEU A 365 -2.04 8.33 -6.85
C LEU A 365 -3.08 8.62 -5.76
N ASP A 366 -3.47 9.88 -5.62
CA ASP A 366 -4.47 10.23 -4.61
C ASP A 366 -5.79 9.54 -4.85
N TRP A 367 -6.13 9.23 -6.09
CA TRP A 367 -7.34 8.48 -6.31
C TRP A 367 -7.22 7.10 -5.71
N HIS A 368 -6.03 6.50 -5.80
CA HIS A 368 -5.84 5.20 -5.19
C HIS A 368 -5.89 5.29 -3.66
N PHE A 369 -5.33 6.36 -3.09
CA PHE A 369 -5.50 6.60 -1.66
C PHE A 369 -6.97 6.84 -1.29
N ALA A 370 -7.70 7.60 -2.11
CA ALA A 370 -9.12 7.77 -1.85
C ALA A 370 -9.85 6.45 -1.88
N ASN A 371 -9.47 5.58 -2.82
CA ASN A 371 -10.10 4.26 -2.93
C ASN A 371 -9.88 3.45 -1.66
N LEU A 372 -8.74 3.66 -0.99
CA LEU A 372 -8.44 2.95 0.24
C LEU A 372 -9.17 3.59 1.41
N GLU A 373 -9.20 4.92 1.42
CA GLU A 373 -10.03 5.64 2.39
C GLU A 373 -11.49 5.20 2.28
N PHE A 374 -11.97 4.91 1.06
CA PHE A 374 -13.29 4.32 0.91
C PHE A 374 -13.37 2.97 1.60
N ALA A 375 -12.48 2.05 1.26
CA ALA A 375 -12.58 0.68 1.77
C ALA A 375 -12.55 0.63 3.29
N ASN A 376 -11.86 1.58 3.93
CA ASN A 376 -11.74 1.65 5.37
C ASN A 376 -12.62 2.72 6.00
N ALA A 377 -13.39 3.44 5.19
CA ALA A 377 -14.30 4.47 5.66
C ALA A 377 -13.62 5.46 6.61
N THR A 378 -12.38 5.83 6.31
CA THR A 378 -11.69 6.75 7.20
C THR A 378 -10.48 7.31 6.50
N PRO A 379 -10.08 8.55 6.82
CA PRO A 379 -8.80 9.06 6.34
C PRO A 379 -7.65 8.16 6.75
N LEU A 380 -6.69 7.96 5.82
CA LEU A 380 -5.51 7.14 6.12
C LEU A 380 -4.72 7.65 7.32
N SER A 381 -4.87 8.92 7.68
CA SER A 381 -4.12 9.36 8.85
C SER A 381 -4.67 8.81 10.15
N THR A 382 -5.81 8.12 10.13
CA THR A 382 -6.38 7.53 11.33
C THR A 382 -6.19 6.03 11.44
N LEU A 383 -5.76 5.36 10.35
CA LEU A 383 -5.61 3.91 10.32
C LEU A 383 -4.33 3.47 11.03
N SER A 384 -4.45 2.44 11.86
CA SER A 384 -3.28 1.86 12.50
C SER A 384 -2.31 1.28 11.47
N LEU A 385 -1.07 1.77 11.46
CA LEU A 385 -0.10 1.21 10.54
C LEU A 385 0.15 -0.26 10.85
N LYS A 386 0.27 -0.60 12.13
CA LYS A 386 0.60 -1.98 12.48
C LYS A 386 -0.52 -2.94 12.12
N HIS A 387 -1.79 -2.51 12.25
CA HIS A 387 -2.91 -3.44 12.28
C HIS A 387 -4.00 -3.20 11.25
N TRP A 388 -3.89 -2.21 10.38
CA TRP A 388 -5.04 -1.82 9.59
C TRP A 388 -5.52 -2.92 8.66
N ASP A 389 -4.64 -3.86 8.32
CA ASP A 389 -5.01 -4.95 7.42
C ASP A 389 -4.90 -6.27 8.16
N GLN A 390 -5.49 -6.37 9.35
CA GLN A 390 -5.32 -7.57 10.14
C GLN A 390 -6.32 -8.66 9.76
N ASP A 391 -7.51 -8.27 9.35
CA ASP A 391 -8.55 -9.14 8.83
C ASP A 391 -8.22 -9.68 7.36
N ASP A 392 -7.03 -9.35 6.85
CA ASP A 392 -6.68 -9.73 5.47
C ASP A 392 -6.57 -11.24 5.29
N ASP A 393 -6.04 -11.95 6.27
CA ASP A 393 -5.90 -13.40 6.10
C ASP A 393 -7.22 -14.16 6.25
N PHE A 394 -8.36 -13.46 6.22
CA PHE A 394 -9.67 -14.10 6.31
C PHE A 394 -10.55 -13.82 5.12
N GLU A 395 -10.01 -13.16 4.08
CA GLU A 395 -10.84 -12.81 2.92
C GLU A 395 -11.42 -14.07 2.29
N PHE A 396 -12.69 -13.99 1.93
CA PHE A 396 -13.37 -15.06 1.23
C PHE A 396 -12.79 -15.24 -0.18
N THR A 397 -13.18 -16.30 -0.86
CA THR A 397 -12.75 -16.49 -2.24
C THR A 397 -13.94 -16.25 -3.17
N GLY A 398 -13.64 -15.80 -4.37
CA GLY A 398 -14.66 -15.53 -5.36
C GLY A 398 -14.77 -14.04 -5.67
N SER A 399 -15.50 -13.79 -6.75
CA SER A 399 -15.78 -12.43 -7.19
C SER A 399 -16.68 -11.72 -6.19
N HIS A 400 -16.43 -10.43 -6.01
CA HIS A 400 -17.39 -9.60 -5.30
C HIS A 400 -18.67 -9.45 -6.13
N LEU A 401 -19.78 -9.23 -5.44
CA LEU A 401 -21.09 -9.16 -6.07
C LEU A 401 -21.86 -7.98 -5.51
N THR A 402 -22.89 -7.56 -6.25
CA THR A 402 -23.87 -6.61 -5.74
C THR A 402 -25.22 -7.26 -5.68
N VAL A 403 -26.13 -6.61 -4.97
CA VAL A 403 -27.50 -7.06 -4.77
C VAL A 403 -28.37 -6.18 -5.63
N ARG A 404 -28.89 -6.75 -6.72
CA ARG A 404 -29.59 -5.94 -7.71
C ARG A 404 -30.96 -5.49 -7.21
N ASN A 405 -31.65 -6.35 -6.46
CA ASN A 405 -32.96 -6.02 -5.91
C ASN A 405 -32.85 -5.30 -4.57
N GLY A 406 -31.67 -4.78 -4.24
CA GLY A 406 -31.51 -4.03 -3.01
C GLY A 406 -31.25 -4.93 -1.81
N TYR A 407 -30.17 -4.64 -1.09
CA TYR A 407 -29.72 -5.50 -0.01
C TYR A 407 -30.76 -5.65 1.09
N SER A 408 -31.71 -4.71 1.18
CA SER A 408 -32.71 -4.74 2.26
C SER A 408 -33.52 -6.02 2.24
N CYS A 409 -33.56 -6.72 1.10
CA CYS A 409 -34.31 -7.97 1.02
C CYS A 409 -33.89 -8.95 2.10
N VAL A 410 -32.65 -8.83 2.58
CA VAL A 410 -32.07 -9.74 3.56
C VAL A 410 -32.63 -9.40 4.95
N PRO A 411 -32.39 -8.22 5.52
CA PRO A 411 -32.98 -7.96 6.85
C PRO A 411 -34.50 -8.06 6.87
N VAL A 412 -35.16 -7.58 5.83
CA VAL A 412 -36.61 -7.71 5.80
C VAL A 412 -37.00 -9.17 5.92
N ALA A 413 -36.27 -10.06 5.25
CA ALA A 413 -36.58 -11.48 5.29
C ALA A 413 -36.28 -12.08 6.66
N LEU A 414 -35.13 -11.69 7.24
CA LEU A 414 -34.79 -12.19 8.58
C LEU A 414 -35.81 -11.75 9.62
N ALA A 415 -36.46 -10.60 9.40
CA ALA A 415 -37.42 -10.08 10.37
C ALA A 415 -38.74 -10.84 10.39
N GLU A 416 -39.04 -11.61 9.35
CA GLU A 416 -40.30 -12.35 9.32
C GLU A 416 -40.42 -13.23 10.55
N GLY A 417 -41.49 -13.05 11.31
CA GLY A 417 -41.75 -13.88 12.46
C GLY A 417 -41.23 -13.38 13.79
N LEU A 418 -40.48 -12.29 13.82
CA LEU A 418 -39.88 -11.77 15.03
C LEU A 418 -40.76 -10.67 15.63
N ASP A 419 -40.60 -10.45 16.93
CA ASP A 419 -41.33 -9.40 17.62
C ASP A 419 -40.47 -8.14 17.60
N ILE A 420 -40.77 -7.22 16.68
CA ILE A 420 -39.95 -6.03 16.49
C ILE A 420 -40.76 -4.80 16.80
N LYS A 421 -40.30 -4.02 17.77
CA LYS A 421 -40.90 -2.73 18.12
C LYS A 421 -40.10 -1.65 17.39
N LEU A 422 -40.63 -1.17 16.27
CA LEU A 422 -40.02 -0.07 15.56
C LEU A 422 -40.33 1.25 16.28
N ASN A 423 -39.62 2.31 15.90
CA ASN A 423 -39.85 3.63 16.46
C ASN A 423 -39.78 3.62 17.98
N THR A 424 -38.82 2.86 18.50
CA THR A 424 -38.62 2.68 19.92
C THR A 424 -37.14 2.90 20.16
N ALA A 425 -36.78 4.09 20.62
CA ALA A 425 -35.39 4.44 20.86
C ALA A 425 -35.04 4.07 22.29
N VAL A 426 -34.09 3.16 22.47
CA VAL A 426 -33.61 2.86 23.80
C VAL A 426 -32.85 4.07 24.33
N ARG A 427 -33.17 4.48 25.56
CA ARG A 427 -32.46 5.53 26.26
C ARG A 427 -31.61 5.03 27.42
N GLN A 428 -31.98 3.91 28.03
CA GLN A 428 -31.29 3.48 29.24
C GLN A 428 -31.33 1.95 29.37
N VAL A 429 -30.19 1.38 29.74
CA VAL A 429 -30.05 -0.07 29.91
C VAL A 429 -29.64 -0.33 31.35
N ARG A 430 -30.52 -0.98 32.09
CA ARG A 430 -30.35 -1.31 33.49
C ARG A 430 -30.12 -2.81 33.62
N TYR A 431 -29.03 -3.20 34.28
CA TYR A 431 -28.70 -4.62 34.40
C TYR A 431 -28.23 -4.88 35.82
N THR A 432 -28.82 -5.87 36.47
CA THR A 432 -28.50 -6.19 37.85
C THR A 432 -28.34 -7.69 38.00
N ALA A 433 -27.94 -8.09 39.20
CA ALA A 433 -27.87 -9.50 39.51
C ALA A 433 -29.19 -10.23 39.31
N SER A 434 -30.33 -9.54 39.35
CA SER A 434 -31.61 -10.22 39.27
C SER A 434 -32.24 -10.16 37.88
N GLY A 435 -31.68 -9.37 36.97
CA GLY A 435 -32.24 -9.22 35.64
C GLY A 435 -31.99 -7.83 35.10
N CYS A 436 -32.69 -7.50 34.01
CA CYS A 436 -32.47 -6.24 33.31
C CYS A 436 -33.77 -5.53 33.01
N GLU A 437 -33.66 -4.20 32.91
CA GLU A 437 -34.72 -3.31 32.45
C GLU A 437 -34.16 -2.43 31.36
N VAL A 438 -34.81 -2.40 30.21
CA VAL A 438 -34.49 -1.47 29.14
C VAL A 438 -35.58 -0.41 29.10
N ILE A 439 -35.21 0.86 29.32
CA ILE A 439 -36.12 2.00 29.20
C ILE A 439 -35.97 2.61 27.80
N ALA A 440 -37.11 2.80 27.11
CA ALA A 440 -37.10 3.35 25.76
C ALA A 440 -38.26 4.33 25.59
N VAL A 441 -38.17 5.14 24.53
CA VAL A 441 -39.23 6.09 24.21
C VAL A 441 -39.69 5.87 22.79
N ASN A 442 -40.90 6.34 22.51
CA ASN A 442 -41.39 6.46 21.14
C ASN A 442 -40.64 7.59 20.44
N THR A 443 -40.01 7.30 19.30
CA THR A 443 -39.28 8.35 18.61
C THR A 443 -40.21 9.42 18.06
N ARG A 444 -41.48 9.09 17.83
CA ARG A 444 -42.41 10.06 17.31
C ARG A 444 -42.98 10.98 18.39
N SER A 445 -43.15 10.50 19.62
CA SER A 445 -43.38 11.41 20.74
C SER A 445 -42.55 10.87 21.90
N THR A 446 -41.41 11.53 22.16
CA THR A 446 -40.46 11.08 23.17
C THR A 446 -41.06 10.97 24.57
N SER A 447 -42.27 11.46 24.78
CA SER A 447 -42.86 11.39 26.10
C SER A 447 -43.43 10.00 26.41
N GLN A 448 -43.80 9.22 25.39
CA GLN A 448 -44.30 7.86 25.62
C GLN A 448 -43.13 6.98 26.04
N THR A 449 -43.09 6.62 27.32
CA THR A 449 -41.97 5.84 27.86
C THR A 449 -42.37 4.37 28.00
N PHE A 450 -41.41 3.49 27.72
CA PHE A 450 -41.57 2.04 27.76
C PHE A 450 -40.46 1.39 28.59
N ILE A 451 -40.87 0.46 29.43
CA ILE A 451 -40.00 -0.33 30.30
C ILE A 451 -40.08 -1.78 29.81
N TYR A 452 -38.94 -2.38 29.54
CA TYR A 452 -38.88 -3.77 29.13
C TYR A 452 -38.00 -4.55 30.11
N LYS A 453 -38.61 -5.47 30.83
CA LYS A 453 -37.89 -6.33 31.76
C LYS A 453 -37.48 -7.61 31.05
N CYS A 454 -36.29 -8.12 31.35
CA CYS A 454 -35.77 -9.29 30.64
C CYS A 454 -34.65 -9.95 31.43
N ASP A 455 -34.36 -11.19 31.06
CA ASP A 455 -33.23 -11.88 31.69
C ASP A 455 -31.90 -11.40 31.16
N ALA A 456 -31.88 -10.85 29.95
CA ALA A 456 -30.63 -10.54 29.27
C ALA A 456 -30.89 -9.50 28.18
N VAL A 457 -29.90 -8.63 27.98
CA VAL A 457 -29.94 -7.60 26.94
C VAL A 457 -28.79 -7.87 25.98
N LEU A 458 -29.12 -8.06 24.70
CA LEU A 458 -28.12 -8.09 23.62
C LEU A 458 -28.03 -6.71 22.99
N CYS A 459 -26.98 -5.97 23.32
CA CYS A 459 -26.74 -4.64 22.76
C CYS A 459 -26.08 -4.76 21.39
N THR A 460 -26.76 -4.31 20.33
CA THR A 460 -26.12 -4.27 19.02
C THR A 460 -26.06 -2.83 18.51
N LEU A 461 -26.04 -1.87 19.42
CA LEU A 461 -25.93 -0.48 19.03
C LEU A 461 -24.62 -0.29 18.25
N PRO A 462 -24.61 0.55 17.22
CA PRO A 462 -23.37 0.78 16.48
C PRO A 462 -22.29 1.41 17.34
N LEU A 463 -21.03 1.18 16.96
CA LEU A 463 -19.94 1.74 17.72
C LEU A 463 -20.04 3.27 17.75
N GLY A 464 -20.62 3.86 16.69
CA GLY A 464 -20.80 5.30 16.70
C GLY A 464 -21.71 5.77 17.82
N VAL A 465 -22.78 5.02 18.07
CA VAL A 465 -23.72 5.39 19.12
C VAL A 465 -23.10 5.20 20.50
N LEU A 466 -22.37 4.09 20.69
CA LEU A 466 -21.68 3.84 21.95
C LEU A 466 -20.66 4.93 22.24
N LYS A 467 -20.15 5.59 21.20
CA LYS A 467 -19.12 6.61 21.31
C LYS A 467 -19.64 7.97 21.72
N GLN A 468 -20.95 8.20 21.60
CA GLN A 468 -21.54 9.52 21.75
C GLN A 468 -21.19 10.15 23.09
N GLN A 469 -20.71 11.39 23.07
CA GLN A 469 -20.67 12.20 24.28
C GLN A 469 -21.36 13.53 24.02
N PRO A 470 -22.42 13.86 24.77
CA PRO A 470 -22.94 13.05 25.86
C PRO A 470 -23.74 11.86 25.31
N PRO A 471 -23.96 10.83 26.14
CA PRO A 471 -24.46 9.56 25.61
C PRO A 471 -25.91 9.64 25.16
N ALA A 472 -26.18 8.96 24.04
CA ALA A 472 -27.55 8.66 23.67
C ALA A 472 -28.17 7.60 24.56
N VAL A 473 -27.37 6.65 25.04
CA VAL A 473 -27.88 5.51 25.77
C VAL A 473 -27.07 5.38 27.05
N GLN A 474 -27.74 5.48 28.18
CA GLN A 474 -27.08 5.40 29.46
C GLN A 474 -27.15 3.97 30.00
N PHE A 475 -26.03 3.49 30.50
CA PHE A 475 -25.98 2.16 31.11
C PHE A 475 -25.95 2.31 32.63
N VAL A 476 -26.85 1.61 33.30
CA VAL A 476 -26.92 1.72 34.76
C VAL A 476 -26.80 0.30 35.31
N PRO A 477 -25.71 -0.02 36.03
CA PRO A 477 -24.53 0.83 36.29
C PRO A 477 -23.69 1.07 35.03
N PRO A 478 -22.81 2.06 35.05
CA PRO A 478 -22.02 2.37 33.85
C PRO A 478 -21.16 1.19 33.43
N LEU A 479 -20.96 1.10 32.12
CA LEU A 479 -20.03 0.15 31.54
C LEU A 479 -18.66 0.27 32.22
N PRO A 480 -17.98 -0.83 32.49
CA PRO A 480 -16.66 -0.73 33.11
C PRO A 480 -15.63 -0.10 32.16
N GLU A 481 -14.55 0.40 32.79
CA GLU A 481 -13.49 1.07 32.05
C GLU A 481 -12.90 0.18 30.94
N TRP A 482 -12.72 -1.12 31.18
CA TRP A 482 -12.12 -1.91 30.11
C TRP A 482 -12.98 -1.93 28.86
N LYS A 483 -14.28 -1.70 28.98
CA LYS A 483 -15.14 -1.67 27.80
C LYS A 483 -15.26 -0.26 27.22
N THR A 484 -15.28 0.77 28.07
CA THR A 484 -15.41 2.12 27.51
C THR A 484 -14.11 2.54 26.84
N SER A 485 -12.97 2.14 27.43
CA SER A 485 -11.67 2.39 26.82
C SER A 485 -11.56 1.76 25.44
N ALA A 486 -12.06 0.53 25.28
CA ALA A 486 -12.11 -0.04 23.95
C ALA A 486 -12.97 0.80 23.03
N VAL A 487 -14.13 1.23 23.53
CA VAL A 487 -15.03 2.04 22.71
C VAL A 487 -14.35 3.32 22.26
N GLN A 488 -13.57 3.94 23.16
CA GLN A 488 -12.83 5.14 22.77
C GLN A 488 -11.80 4.83 21.69
N ARG A 489 -10.95 3.81 21.91
CA ARG A 489 -9.85 3.52 20.99
C ARG A 489 -10.35 3.14 19.61
N MET A 490 -11.37 2.29 19.51
CA MET A 490 -11.78 1.81 18.20
C MET A 490 -12.18 2.95 17.28
N GLY A 491 -11.82 2.83 16.01
CA GLY A 491 -12.27 3.80 15.04
C GLY A 491 -13.69 3.51 14.59
N PHE A 492 -14.46 4.57 14.44
CA PHE A 492 -15.72 4.49 13.72
C PHE A 492 -15.64 5.52 12.61
N GLY A 493 -15.67 5.04 11.37
CA GLY A 493 -15.45 5.88 10.21
C GLY A 493 -16.73 6.35 9.55
N ASN A 494 -16.57 6.90 8.35
CA ASN A 494 -17.65 7.54 7.63
C ASN A 494 -17.45 7.35 6.14
N LEU A 495 -18.55 7.15 5.42
CA LEU A 495 -18.56 6.93 3.99
C LEU A 495 -19.96 7.28 3.49
N ASN A 496 -20.08 8.04 2.40
CA ASN A 496 -21.44 8.42 1.96
C ASN A 496 -21.64 8.19 0.48
N LYS A 497 -22.92 8.08 0.09
CA LYS A 497 -23.28 7.80 -1.28
C LYS A 497 -24.26 8.85 -1.79
N VAL A 498 -24.16 9.13 -3.07
CA VAL A 498 -25.13 9.94 -3.78
C VAL A 498 -25.79 9.05 -4.82
N VAL A 499 -27.10 8.83 -4.67
CA VAL A 499 -27.86 8.07 -5.66
C VAL A 499 -28.40 9.04 -6.71
N LEU A 500 -28.16 8.73 -7.99
CA LEU A 500 -28.56 9.56 -9.12
C LEU A 500 -29.41 8.72 -10.06
N CYS A 501 -30.71 9.04 -10.13
CA CYS A 501 -31.65 8.30 -10.94
C CYS A 501 -31.97 9.07 -12.22
N PHE A 502 -31.57 8.53 -13.36
CA PHE A 502 -31.85 9.16 -14.64
C PHE A 502 -32.93 8.37 -15.38
N ASP A 503 -33.40 8.96 -16.48
CA ASP A 503 -34.36 8.27 -17.35
C ASP A 503 -33.70 7.51 -18.49
N ARG A 504 -32.36 7.55 -18.59
CA ARG A 504 -31.65 6.97 -19.73
C ARG A 504 -30.19 6.77 -19.34
N VAL A 505 -29.57 5.78 -19.97
CA VAL A 505 -28.19 5.40 -19.67
C VAL A 505 -27.27 6.13 -20.64
N PHE A 506 -26.42 7.00 -20.11
CA PHE A 506 -25.42 7.71 -20.89
C PHE A 506 -24.00 7.22 -20.61
N TRP A 507 -23.81 6.34 -19.64
CA TRP A 507 -22.49 5.82 -19.33
C TRP A 507 -22.24 4.51 -20.08
N ASP A 508 -21.10 3.89 -19.80
CA ASP A 508 -20.78 2.61 -20.43
C ASP A 508 -21.52 1.49 -19.71
N PRO A 509 -22.43 0.79 -20.38
CA PRO A 509 -23.26 -0.21 -19.70
C PRO A 509 -22.49 -1.41 -19.19
N SER A 510 -21.37 -1.74 -19.84
CA SER A 510 -20.54 -2.88 -19.46
C SER A 510 -19.44 -2.51 -18.49
N VAL A 511 -19.60 -1.41 -17.77
CA VAL A 511 -18.59 -0.87 -16.87
C VAL A 511 -19.30 -0.56 -15.56
N ASN A 512 -18.96 -1.31 -14.50
CA ASN A 512 -19.60 -1.12 -13.22
C ASN A 512 -18.95 -0.01 -12.39
N LEU A 513 -17.71 0.35 -12.66
CA LEU A 513 -17.01 1.36 -11.88
C LEU A 513 -16.36 2.34 -12.83
N PHE A 514 -16.34 3.61 -12.44
CA PHE A 514 -15.38 4.52 -13.05
C PHE A 514 -15.06 5.62 -12.05
N GLY A 515 -13.85 6.15 -12.18
CA GLY A 515 -13.28 7.03 -11.19
C GLY A 515 -13.21 8.45 -11.69
N HIS A 516 -13.34 9.39 -10.76
CA HIS A 516 -13.06 10.80 -10.99
C HIS A 516 -11.84 11.16 -10.16
N VAL A 517 -10.82 11.72 -10.80
CA VAL A 517 -9.57 12.04 -10.15
C VAL A 517 -9.62 13.49 -9.70
N GLY A 518 -9.75 13.71 -8.40
CA GLY A 518 -9.81 15.06 -7.88
C GLY A 518 -8.48 15.77 -8.02
N SER A 519 -8.54 17.10 -8.04
CA SER A 519 -7.38 17.91 -8.37
C SER A 519 -6.49 18.21 -7.17
N THR A 520 -6.97 18.01 -5.96
CA THR A 520 -6.18 18.22 -4.75
C THR A 520 -6.26 16.99 -3.87
N THR A 521 -5.22 16.82 -3.04
CA THR A 521 -5.22 15.76 -2.03
C THR A 521 -6.45 15.89 -1.13
N ALA A 522 -6.69 17.10 -0.61
CA ALA A 522 -7.81 17.39 0.28
C ALA A 522 -9.13 16.86 -0.25
N SER A 523 -9.39 17.03 -1.54
CA SER A 523 -10.67 16.66 -2.14
C SER A 523 -10.65 15.28 -2.80
N ARG A 524 -9.62 14.46 -2.54
CA ARG A 524 -9.49 13.21 -3.27
C ARG A 524 -10.67 12.27 -3.03
N GLY A 525 -11.30 12.33 -1.86
CA GLY A 525 -12.44 11.47 -1.58
C GLY A 525 -13.77 11.96 -2.15
N GLU A 526 -13.79 13.16 -2.71
CA GLU A 526 -15.04 13.85 -3.07
C GLU A 526 -15.53 13.34 -4.41
N LEU A 527 -16.54 12.47 -4.39
CA LEU A 527 -17.16 11.95 -5.61
C LEU A 527 -16.13 11.25 -6.50
N PHE A 528 -15.26 10.45 -5.89
CA PHE A 528 -14.13 9.88 -6.61
C PHE A 528 -14.50 8.63 -7.40
N LEU A 529 -15.62 7.98 -7.10
CA LEU A 529 -15.95 6.72 -7.72
C LEU A 529 -17.44 6.63 -8.02
N PHE A 530 -17.79 6.07 -9.17
CA PHE A 530 -19.17 5.93 -9.60
C PHE A 530 -19.50 4.46 -9.86
N TRP A 531 -20.70 4.04 -9.48
CA TRP A 531 -21.12 2.65 -9.64
C TRP A 531 -22.33 2.56 -10.56
N ASN A 532 -22.22 1.70 -11.58
CA ASN A 532 -23.35 1.24 -12.40
C ASN A 532 -23.68 -0.18 -11.96
N LEU A 533 -24.67 -0.33 -11.06
CA LEU A 533 -24.95 -1.66 -10.51
C LEU A 533 -26.35 -2.20 -10.78
N TYR A 534 -27.28 -1.39 -11.29
CA TYR A 534 -28.69 -1.76 -11.24
C TYR A 534 -29.29 -1.86 -12.65
N LYS A 535 -30.54 -2.33 -12.68
CA LYS A 535 -31.26 -2.57 -13.93
C LYS A 535 -31.78 -1.27 -14.53
N ALA A 536 -32.41 -0.42 -13.70
CA ALA A 536 -32.83 0.92 -14.05
C ALA A 536 -31.63 1.87 -14.04
N PRO A 537 -31.63 2.90 -14.89
CA PRO A 537 -30.44 3.75 -15.04
C PRO A 537 -30.09 4.56 -13.80
N ILE A 538 -29.22 4.00 -12.95
CA ILE A 538 -28.84 4.58 -11.67
C ILE A 538 -27.33 4.56 -11.56
N LEU A 539 -26.75 5.71 -11.23
CA LEU A 539 -25.35 5.79 -10.80
C LEU A 539 -25.29 6.13 -9.30
N LEU A 540 -24.45 5.40 -8.57
CA LEU A 540 -24.06 5.74 -7.21
C LEU A 540 -22.71 6.44 -7.23
N ALA A 541 -22.56 7.48 -6.41
CA ALA A 541 -21.27 8.18 -6.30
C ALA A 541 -20.80 8.18 -4.86
N LEU A 542 -19.54 7.83 -4.64
CA LEU A 542 -18.99 7.72 -3.29
C LEU A 542 -18.32 9.01 -2.84
N VAL A 543 -18.43 9.28 -1.55
CA VAL A 543 -17.70 10.36 -0.89
C VAL A 543 -16.90 9.72 0.24
N ALA A 544 -15.57 9.71 0.11
CA ALA A 544 -14.74 8.96 1.05
C ALA A 544 -13.78 9.88 1.78
N GLY A 545 -13.12 9.32 2.78
CA GLY A 545 -12.02 9.99 3.43
C GLY A 545 -12.46 11.27 4.09
N GLU A 546 -11.57 12.26 4.11
CA GLU A 546 -11.89 13.57 4.68
C GLU A 546 -13.10 14.23 4.04
N ALA A 547 -13.50 13.79 2.84
CA ALA A 547 -14.59 14.45 2.17
C ALA A 547 -15.93 14.03 2.75
N ALA A 548 -16.02 12.80 3.26
CA ALA A 548 -17.26 12.28 3.81
C ALA A 548 -17.86 13.25 4.81
N GLY A 549 -17.10 13.57 5.86
CA GLY A 549 -17.63 14.42 6.91
C GLY A 549 -17.90 15.83 6.47
N ILE A 550 -17.08 16.35 5.56
CA ILE A 550 -17.26 17.73 5.12
C ILE A 550 -18.47 17.85 4.21
N MET A 551 -18.72 16.87 3.35
CA MET A 551 -19.85 16.98 2.43
C MET A 551 -21.18 16.83 3.13
N GLU A 552 -21.19 16.40 4.39
CA GLU A 552 -22.47 16.28 5.08
C GLU A 552 -23.06 17.64 5.43
N ASN A 553 -22.22 18.67 5.55
CA ASN A 553 -22.69 20.04 5.74
C ASN A 553 -22.84 20.79 4.45
N ILE A 554 -23.11 20.09 3.34
CA ILE A 554 -23.43 20.73 2.07
C ILE A 554 -24.78 20.22 1.59
N SER A 555 -25.59 21.12 1.06
CA SER A 555 -26.93 20.78 0.59
C SER A 555 -26.88 19.73 -0.52
N ASP A 556 -27.97 18.96 -0.61
CA ASP A 556 -28.12 17.98 -1.68
C ASP A 556 -28.01 18.61 -3.06
N ASP A 557 -28.63 19.77 -3.27
CA ASP A 557 -28.63 20.36 -4.61
C ASP A 557 -27.22 20.68 -5.06
N VAL A 558 -26.37 21.14 -4.15
CA VAL A 558 -24.98 21.40 -4.50
C VAL A 558 -24.22 20.11 -4.72
N ILE A 559 -24.43 19.11 -3.86
CA ILE A 559 -23.76 17.82 -4.07
C ILE A 559 -24.14 17.24 -5.41
N VAL A 560 -25.44 17.19 -5.70
CA VAL A 560 -25.90 16.72 -7.00
C VAL A 560 -25.33 17.59 -8.11
N GLY A 561 -25.20 18.89 -7.86
CA GLY A 561 -24.60 19.78 -8.84
C GLY A 561 -23.17 19.39 -9.17
N ARG A 562 -22.36 19.14 -8.14
CA ARG A 562 -20.98 18.75 -8.36
C ARG A 562 -20.89 17.45 -9.15
N CYS A 563 -21.77 16.48 -8.84
CA CYS A 563 -21.84 15.23 -9.59
C CYS A 563 -22.07 15.49 -11.08
N LEU A 564 -23.17 16.18 -11.40
CA LEU A 564 -23.50 16.43 -12.79
C LEU A 564 -22.38 17.17 -13.50
N ALA A 565 -21.70 18.08 -12.79
CA ALA A 565 -20.55 18.75 -13.38
C ALA A 565 -19.46 17.74 -13.73
N ILE A 566 -19.18 16.80 -12.82
CA ILE A 566 -18.16 15.80 -13.10
C ILE A 566 -18.56 14.94 -14.29
N LEU A 567 -19.80 14.43 -14.26
CA LEU A 567 -20.25 13.53 -15.33
C LEU A 567 -20.34 14.24 -16.66
N LYS A 568 -20.74 15.51 -16.66
CA LYS A 568 -20.74 16.29 -17.90
C LYS A 568 -19.35 16.35 -18.49
N GLY A 569 -18.34 16.55 -17.64
CA GLY A 569 -16.97 16.59 -18.13
C GLY A 569 -16.52 15.30 -18.75
N ILE A 570 -17.00 14.17 -18.25
CA ILE A 570 -16.56 12.88 -18.77
C ILE A 570 -17.35 12.49 -20.02
N PHE A 571 -18.66 12.73 -20.04
CA PHE A 571 -19.52 12.19 -21.09
C PHE A 571 -20.07 13.22 -22.05
N GLY A 572 -19.86 14.51 -21.79
CA GLY A 572 -20.38 15.60 -22.60
C GLY A 572 -21.56 16.26 -21.93
N SER A 573 -21.67 17.58 -22.13
CA SER A 573 -22.73 18.34 -21.46
C SER A 573 -24.12 17.98 -21.96
N SER A 574 -24.25 17.62 -23.25
CA SER A 574 -25.55 17.26 -23.79
C SER A 574 -25.99 15.86 -23.42
N ALA A 575 -25.08 14.99 -22.98
CA ALA A 575 -25.44 13.59 -22.74
C ALA A 575 -26.05 13.37 -21.36
N VAL A 576 -25.93 14.32 -20.44
CA VAL A 576 -26.29 14.09 -19.05
C VAL A 576 -27.52 14.90 -18.67
N PRO A 577 -28.70 14.28 -18.63
CA PRO A 577 -29.91 15.02 -18.25
C PRO A 577 -29.93 15.22 -16.76
N GLN A 578 -30.90 16.01 -16.32
CA GLN A 578 -31.10 16.10 -14.87
C GLN A 578 -31.63 14.78 -14.34
N PRO A 579 -31.16 14.35 -13.17
CA PRO A 579 -31.74 13.15 -12.56
C PRO A 579 -33.23 13.34 -12.24
N LYS A 580 -33.96 12.24 -12.35
CA LYS A 580 -35.37 12.24 -11.93
C LYS A 580 -35.52 12.13 -10.42
N GLU A 581 -34.61 11.42 -9.76
CA GLU A 581 -34.58 11.28 -8.31
C GLU A 581 -33.14 11.26 -7.83
N THR A 582 -32.90 11.87 -6.66
CA THR A 582 -31.59 11.88 -6.03
C THR A 582 -31.74 11.69 -4.53
N VAL A 583 -30.81 10.95 -3.93
CA VAL A 583 -30.72 10.71 -2.50
C VAL A 583 -29.27 10.94 -2.10
N VAL A 584 -29.05 11.52 -0.92
CA VAL A 584 -27.71 11.70 -0.40
C VAL A 584 -27.67 11.17 1.02
N SER A 585 -26.78 10.22 1.29
CA SER A 585 -26.63 9.72 2.65
C SER A 585 -25.81 10.72 3.48
N ARG A 586 -26.14 10.78 4.80
CA ARG A 586 -25.31 11.53 5.78
C ARG A 586 -25.19 10.63 7.02
N TRP A 587 -24.26 9.65 6.95
CA TRP A 587 -24.23 8.60 7.97
C TRP A 587 -23.64 9.09 9.29
N ARG A 588 -22.68 10.02 9.26
CA ARG A 588 -22.18 10.55 10.52
C ARG A 588 -23.27 11.28 11.30
N ALA A 589 -24.18 11.94 10.60
CA ALA A 589 -25.22 12.70 11.28
C ALA A 589 -26.41 11.83 11.69
N ASP A 590 -26.50 10.63 11.14
CA ASP A 590 -27.57 9.69 11.47
C ASP A 590 -27.39 9.30 12.93
N PRO A 591 -28.30 9.73 13.81
CA PRO A 591 -28.11 9.47 15.24
C PRO A 591 -28.25 8.00 15.61
N TRP A 592 -28.84 7.20 14.75
CA TRP A 592 -28.88 5.75 14.94
C TRP A 592 -27.66 5.03 14.36
N ALA A 593 -26.68 5.77 13.84
CA ALA A 593 -25.47 5.20 13.29
C ALA A 593 -24.24 5.98 13.75
N ARG A 594 -24.24 7.29 13.50
CA ARG A 594 -23.13 8.18 13.87
C ARG A 594 -21.82 7.77 13.17
N GLY A 595 -21.96 7.32 11.93
CA GLY A 595 -20.84 6.85 11.14
C GLY A 595 -21.24 5.65 10.29
N SER A 596 -20.31 5.06 9.56
CA SER A 596 -20.65 3.99 8.64
C SER A 596 -20.22 2.62 9.13
N TYR A 597 -18.95 2.48 9.52
CA TYR A 597 -18.45 1.21 10.04
C TYR A 597 -17.09 1.45 10.67
N SER A 598 -16.64 0.43 11.41
CA SER A 598 -15.49 0.59 12.25
C SER A 598 -14.23 0.42 11.40
N TYR A 599 -13.12 0.93 11.93
CA TYR A 599 -11.82 0.83 11.30
C TYR A 599 -10.79 0.61 12.39
N VAL A 600 -9.64 0.05 12.03
CA VAL A 600 -8.65 -0.27 13.03
C VAL A 600 -7.82 0.99 13.21
N ALA A 601 -8.15 1.75 14.24
CA ALA A 601 -7.54 3.05 14.41
C ALA A 601 -6.13 2.90 14.93
N ALA A 602 -5.28 3.88 14.58
CA ALA A 602 -4.01 4.00 15.28
C ALA A 602 -4.28 4.01 16.78
N GLY A 603 -3.47 3.26 17.51
CA GLY A 603 -3.64 3.10 18.94
C GLY A 603 -4.58 2.01 19.35
N SER A 604 -5.28 1.38 18.42
CA SER A 604 -6.18 0.26 18.67
C SER A 604 -5.55 -1.02 18.13
N SER A 605 -6.37 -2.06 18.03
CA SER A 605 -5.91 -3.36 17.54
C SER A 605 -7.04 -4.36 17.51
N GLY A 606 -6.71 -5.58 17.07
CA GLY A 606 -7.71 -6.62 16.97
C GLY A 606 -8.28 -7.03 18.31
N ASN A 607 -7.49 -6.88 19.38
CA ASN A 607 -7.97 -7.26 20.70
C ASN A 607 -9.17 -6.39 21.14
N ASP A 608 -9.22 -5.11 20.75
CA ASP A 608 -10.36 -4.27 21.12
C ASP A 608 -11.65 -4.83 20.56
N TYR A 609 -11.60 -5.50 19.41
CA TYR A 609 -12.83 -6.10 18.90
C TYR A 609 -13.28 -7.24 19.80
N ASP A 610 -12.32 -7.98 20.36
CA ASP A 610 -12.65 -9.01 21.34
C ASP A 610 -13.25 -8.39 22.60
N LEU A 611 -12.60 -7.37 23.14
CA LEU A 611 -13.18 -6.61 24.25
C LEU A 611 -14.60 -6.16 23.96
N MET A 612 -14.88 -5.68 22.73
CA MET A 612 -16.26 -5.26 22.46
C MET A 612 -17.23 -6.41 22.64
N ALA A 613 -16.82 -7.62 22.27
CA ALA A 613 -17.70 -8.78 22.32
C ALA A 613 -17.87 -9.35 23.72
N GLN A 614 -17.01 -8.99 24.67
CA GLN A 614 -17.08 -9.58 25.99
C GLN A 614 -18.36 -9.12 26.67
N PRO A 615 -19.18 -10.03 27.19
CA PRO A 615 -20.40 -9.62 27.91
C PRO A 615 -20.04 -9.04 29.26
N ILE A 616 -20.99 -8.27 29.82
CA ILE A 616 -20.85 -7.61 31.12
C ILE A 616 -21.60 -8.40 32.19
N THR A 617 -20.95 -8.62 33.33
CA THR A 617 -21.58 -9.30 34.45
C THR A 617 -21.76 -8.35 35.62
N PRO A 618 -23.00 -8.14 36.09
CA PRO A 618 -23.22 -7.26 37.24
C PRO A 618 -22.66 -7.86 38.50
N GLY A 619 -22.47 -7.00 39.50
CA GLY A 619 -22.12 -7.47 40.82
C GLY A 619 -23.32 -8.03 41.57
N PRO A 620 -23.07 -8.74 42.66
CA PRO A 620 -24.18 -9.26 43.48
C PRO A 620 -25.08 -8.15 44.00
N SER A 621 -26.38 -8.42 44.07
CA SER A 621 -27.30 -7.56 44.82
C SER A 621 -26.93 -7.63 46.30
N ILE A 622 -27.18 -8.77 46.94
CA ILE A 622 -26.73 -8.93 48.33
C ILE A 622 -25.22 -9.13 48.32
N PRO A 623 -24.48 -8.46 49.21
CA PRO A 623 -23.05 -8.79 49.36
C PRO A 623 -22.85 -10.16 50.01
N GLY A 624 -21.81 -10.85 49.56
CA GLY A 624 -21.60 -12.24 49.90
C GLY A 624 -22.49 -13.21 49.15
N ALA A 625 -23.13 -12.75 48.10
CA ALA A 625 -23.97 -13.69 47.36
C ALA A 625 -23.17 -14.25 46.20
N PRO A 626 -23.52 -15.47 45.75
CA PRO A 626 -22.78 -16.09 44.65
C PRO A 626 -22.67 -15.21 43.42
N GLN A 627 -21.65 -15.51 42.63
CA GLN A 627 -21.29 -14.80 41.42
C GLN A 627 -22.45 -14.76 40.42
N PRO A 628 -22.90 -13.57 40.02
CA PRO A 628 -23.96 -13.51 39.00
C PRO A 628 -23.49 -14.03 37.64
N ILE A 629 -24.47 -14.41 36.84
CA ILE A 629 -24.28 -14.75 35.43
C ILE A 629 -24.11 -13.45 34.64
N PRO A 630 -23.64 -13.49 33.40
CA PRO A 630 -23.61 -12.26 32.60
C PRO A 630 -25.01 -11.87 32.18
N ARG A 631 -25.22 -10.56 32.06
CA ARG A 631 -26.54 -10.02 31.76
C ARG A 631 -26.60 -9.19 30.51
N LEU A 632 -25.49 -8.54 30.12
CA LEU A 632 -25.43 -7.61 29.00
C LEU A 632 -24.45 -8.13 27.98
N PHE A 633 -24.94 -8.44 26.78
CA PHE A 633 -24.16 -9.04 25.71
C PHE A 633 -24.02 -8.04 24.56
N PHE A 634 -23.01 -8.24 23.69
CA PHE A 634 -22.76 -7.30 22.59
C PHE A 634 -22.55 -8.01 21.27
N ALA A 635 -23.20 -7.49 20.23
CA ALA A 635 -22.98 -7.95 18.86
C ALA A 635 -22.92 -6.74 17.94
N GLY A 636 -22.78 -7.01 16.65
CA GLY A 636 -22.56 -5.95 15.68
C GLY A 636 -21.16 -5.99 15.10
N GLU A 637 -21.02 -5.34 13.94
CA GLU A 637 -19.79 -5.39 13.13
C GLU A 637 -18.56 -4.97 13.92
N HIS A 638 -18.72 -4.08 14.88
CA HIS A 638 -17.60 -3.71 15.73
C HIS A 638 -17.24 -4.76 16.76
N THR A 639 -17.93 -5.89 16.81
CA THR A 639 -17.64 -6.89 17.84
C THR A 639 -16.95 -8.14 17.33
N ILE A 640 -16.65 -8.25 16.03
CA ILE A 640 -16.13 -9.51 15.46
C ILE A 640 -14.75 -9.25 14.83
N ARG A 641 -13.72 -9.63 15.58
CA ARG A 641 -12.32 -9.37 15.22
C ARG A 641 -11.97 -9.73 13.77
N ASN A 642 -12.39 -10.90 13.31
CA ASN A 642 -11.93 -11.35 12.01
C ASN A 642 -12.75 -10.87 10.82
N TYR A 643 -13.96 -10.36 11.03
CA TYR A 643 -14.76 -9.88 9.91
C TYR A 643 -15.44 -8.55 10.21
N PRO A 644 -14.72 -7.60 10.80
CA PRO A 644 -15.36 -6.32 11.16
C PRO A 644 -15.86 -5.58 9.94
N ALA A 645 -16.77 -4.65 10.18
CA ALA A 645 -17.21 -3.68 9.20
C ALA A 645 -17.92 -4.30 8.01
N THR A 646 -18.50 -5.48 8.16
CA THR A 646 -19.24 -6.04 7.04
C THR A 646 -20.62 -6.46 7.50
N VAL A 647 -21.45 -6.84 6.52
CA VAL A 647 -22.73 -7.47 6.82
C VAL A 647 -22.51 -8.90 7.32
N HIS A 648 -21.65 -9.66 6.63
CA HIS A 648 -21.40 -11.03 7.09
C HIS A 648 -20.79 -11.04 8.48
N GLY A 649 -19.94 -10.05 8.78
CA GLY A 649 -19.38 -9.97 10.12
C GLY A 649 -20.45 -9.69 11.16
N ALA A 650 -21.41 -8.84 10.82
CA ALA A 650 -22.51 -8.59 11.74
C ALA A 650 -23.35 -9.85 11.91
N LEU A 651 -23.73 -10.47 10.80
CA LEU A 651 -24.50 -11.71 10.89
C LEU A 651 -23.78 -12.70 11.79
N LEU A 652 -22.48 -12.90 11.58
CA LEU A 652 -21.75 -13.85 12.39
C LEU A 652 -21.78 -13.47 13.86
N SER A 653 -21.69 -12.18 14.16
CA SER A 653 -21.65 -11.74 15.55
C SER A 653 -22.97 -12.02 16.24
N GLY A 654 -24.08 -11.90 15.52
CA GLY A 654 -25.37 -12.23 16.11
C GLY A 654 -25.49 -13.71 16.39
N LEU A 655 -25.03 -14.54 15.45
CA LEU A 655 -25.06 -15.98 15.65
C LEU A 655 -24.21 -16.37 16.85
N ARG A 656 -23.04 -15.74 16.99
CA ARG A 656 -22.16 -15.98 18.13
C ARG A 656 -22.90 -15.71 19.44
N GLU A 657 -23.41 -14.49 19.61
CA GLU A 657 -24.04 -14.12 20.87
C GLU A 657 -25.28 -14.96 21.17
N ALA A 658 -26.06 -15.32 20.16
CA ALA A 658 -27.21 -16.20 20.41
C ALA A 658 -26.77 -17.53 20.96
N GLY A 659 -25.67 -18.07 20.47
CA GLY A 659 -25.15 -19.27 21.07
C GLY A 659 -24.68 -19.01 22.49
N ARG A 660 -24.08 -17.84 22.72
CA ARG A 660 -23.50 -17.56 24.03
C ARG A 660 -24.61 -17.35 25.05
N ILE A 661 -25.65 -16.61 24.65
CA ILE A 661 -26.79 -16.36 25.52
C ILE A 661 -27.55 -17.66 25.80
N ALA A 662 -27.76 -18.47 24.76
CA ALA A 662 -28.50 -19.72 24.95
C ALA A 662 -27.72 -20.68 25.83
N ASP A 663 -26.39 -20.70 25.70
CA ASP A 663 -25.59 -21.51 26.61
C ASP A 663 -25.75 -21.03 28.04
N GLN A 664 -25.89 -19.73 28.24
CA GLN A 664 -26.00 -19.19 29.59
C GLN A 664 -27.37 -19.46 30.19
N PHE A 665 -28.43 -19.33 29.40
CA PHE A 665 -29.78 -19.33 29.95
C PHE A 665 -30.57 -20.59 29.67
N LEU A 666 -30.15 -21.41 28.71
CA LEU A 666 -30.75 -22.71 28.49
C LEU A 666 -29.84 -23.87 28.91
N GLY A 667 -28.54 -23.60 29.09
CA GLY A 667 -27.53 -24.61 29.34
C GLY A 667 -27.10 -25.28 28.05
N ALA A 668 -25.80 -25.57 27.92
CA ALA A 668 -25.25 -26.19 26.71
C ALA A 668 -25.56 -27.68 26.65
N LYS B 9 15.04 -6.33 2.33
CA LYS B 9 13.72 -6.82 1.95
C LYS B 9 12.64 -5.78 1.47
N PRO B 10 12.99 -4.53 1.14
CA PRO B 10 11.94 -3.59 0.67
C PRO B 10 11.64 -3.82 -0.79
N PRO B 11 10.51 -3.34 -1.30
CA PRO B 11 10.17 -3.57 -2.71
C PRO B 11 11.25 -3.01 -3.61
N LYS B 12 11.45 -3.66 -4.76
CA LYS B 12 12.43 -3.17 -5.73
C LYS B 12 12.12 -1.72 -6.09
N GLY B 13 13.16 -0.88 -6.16
CA GLY B 13 12.93 0.52 -6.46
C GLY B 13 12.24 1.33 -5.38
N MET B 14 12.05 0.76 -4.20
CA MET B 14 11.79 1.53 -2.99
C MET B 14 13.11 1.66 -2.23
N PHE B 15 13.28 2.78 -1.55
CA PHE B 15 14.50 3.04 -0.80
C PHE B 15 14.12 3.51 0.60
N LEU B 16 14.59 2.78 1.61
CA LEU B 16 14.04 2.87 2.96
C LEU B 16 15.13 2.33 3.91
N SER B 17 16.08 3.18 4.22
CA SER B 17 17.07 2.84 5.22
C SER B 17 16.60 3.34 6.57
N GLN B 18 16.91 2.56 7.61
CA GLN B 18 16.71 3.05 8.97
C GLN B 18 17.33 4.44 9.14
N GLU B 19 18.53 4.63 8.59
CA GLU B 19 19.21 5.93 8.68
C GLU B 19 18.32 7.04 8.15
N ASP B 20 17.82 6.90 6.91
CA ASP B 20 17.05 7.97 6.30
C ASP B 20 15.70 8.15 6.98
N VAL B 21 15.08 7.05 7.42
CA VAL B 21 13.78 7.16 8.08
C VAL B 21 13.88 8.09 9.29
N GLU B 22 14.86 7.84 10.16
CA GLU B 22 15.01 8.69 11.34
C GLU B 22 15.29 10.14 10.96
N ALA B 23 16.05 10.35 9.89
CA ALA B 23 16.38 11.71 9.46
C ALA B 23 15.17 12.48 8.95
N VAL B 24 14.15 11.79 8.47
CA VAL B 24 12.96 12.43 7.92
C VAL B 24 11.83 12.51 8.94
N SER B 25 11.99 11.86 10.11
CA SER B 25 10.97 11.84 11.15
C SER B 25 11.41 12.45 12.46
N ALA B 26 12.71 12.71 12.64
CA ALA B 26 13.21 13.24 13.92
C ALA B 26 12.68 14.63 14.24
N ASN B 27 11.98 15.27 13.31
CA ASN B 27 11.59 16.66 13.47
C ASN B 27 10.26 16.88 12.76
N ALA B 28 9.59 17.98 13.13
CA ALA B 28 8.31 18.32 12.51
C ALA B 28 8.49 18.73 11.06
N THR B 29 9.61 19.39 10.73
CA THR B 29 9.94 19.79 9.37
C THR B 29 11.27 19.18 8.91
N ALA B 30 11.58 17.97 9.37
CA ALA B 30 12.81 17.31 8.97
C ALA B 30 12.82 17.01 7.47
N ALA B 31 11.71 16.48 6.96
CA ALA B 31 11.63 16.07 5.56
C ALA B 31 11.93 17.21 4.61
N THR B 32 11.14 18.29 4.69
CA THR B 32 11.31 19.38 3.73
C THR B 32 12.70 20.02 3.86
N THR B 33 13.22 20.11 5.09
CA THR B 33 14.59 20.55 5.27
C THR B 33 15.57 19.66 4.52
N VAL B 34 15.48 18.35 4.74
CA VAL B 34 16.35 17.40 4.04
C VAL B 34 16.28 17.63 2.53
N LEU B 35 15.05 17.65 1.99
CA LEU B 35 14.91 17.80 0.54
C LEU B 35 15.32 19.19 0.08
N ARG B 36 15.18 20.21 0.93
CA ARG B 36 15.64 21.54 0.54
C ARG B 36 17.15 21.57 0.39
N GLN B 37 17.89 20.98 1.34
CA GLN B 37 19.35 20.99 1.26
C GLN B 37 19.84 20.18 0.06
N LEU B 38 19.10 19.14 -0.33
CA LEU B 38 19.46 18.43 -1.54
C LEU B 38 19.16 19.25 -2.78
N ASP B 39 18.14 20.11 -2.73
CA ASP B 39 17.86 21.00 -3.84
C ASP B 39 18.99 22.01 -4.03
N MET B 40 19.37 22.69 -2.94
CA MET B 40 20.48 23.63 -3.01
C MET B 40 21.79 22.92 -3.36
N GLU B 41 22.00 21.71 -2.84
CA GLU B 41 23.19 20.95 -3.16
C GLU B 41 23.26 20.67 -4.65
N LEU B 42 22.14 20.26 -5.24
CA LEU B 42 22.11 20.02 -6.68
C LEU B 42 22.32 21.31 -7.47
N VAL B 43 21.79 22.43 -6.96
CA VAL B 43 21.97 23.71 -7.64
C VAL B 43 23.44 24.10 -7.71
N SER B 44 24.17 23.91 -6.60
CA SER B 44 25.57 24.29 -6.57
C SER B 44 26.45 23.32 -7.36
N VAL B 45 26.01 22.09 -7.56
CA VAL B 45 26.76 21.20 -8.44
C VAL B 45 26.53 21.60 -9.89
N LYS B 46 25.31 21.98 -10.24
CA LYS B 46 25.07 22.46 -11.60
C LYS B 46 25.80 23.77 -11.86
N ARG B 47 25.83 24.66 -10.88
CA ARG B 47 26.61 25.89 -11.01
C ARG B 47 28.06 25.57 -11.29
N GLN B 48 28.60 24.55 -10.62
CA GLN B 48 30.01 24.21 -10.79
C GLN B 48 30.27 23.60 -12.16
N ILE B 49 29.30 22.84 -12.69
CA ILE B 49 29.44 22.30 -14.03
C ILE B 49 29.53 23.41 -15.07
N GLN B 50 28.75 24.47 -14.87
CA GLN B 50 28.79 25.59 -15.82
C GLN B 50 30.16 26.25 -15.86
N ASN B 51 30.80 26.41 -14.71
CA ASN B 51 32.09 27.08 -14.67
C ASN B 51 33.16 26.24 -15.34
N ILE B 52 33.09 24.92 -15.21
CA ILE B 52 34.12 24.09 -15.81
C ILE B 52 33.89 23.96 -17.30
N LYS B 53 32.64 23.79 -17.73
CA LYS B 53 32.34 23.79 -19.16
C LYS B 53 32.90 25.03 -19.83
N GLN B 54 32.75 26.19 -19.18
CA GLN B 54 33.25 27.43 -19.78
C GLN B 54 34.76 27.55 -19.67
N THR B 55 35.32 27.13 -18.53
CA THR B 55 36.77 27.06 -18.41
C THR B 55 37.38 26.12 -19.44
N ASN B 56 36.77 24.94 -19.64
CA ASN B 56 37.30 23.99 -20.60
C ASN B 56 37.08 24.45 -22.03
N SER B 57 35.97 25.14 -22.30
CA SER B 57 35.73 25.67 -23.64
C SER B 57 36.78 26.73 -24.01
N ALA B 58 37.26 27.49 -23.04
CA ALA B 58 38.33 28.45 -23.32
C ALA B 58 39.63 27.72 -23.61
N LEU B 59 39.90 26.62 -22.89
CA LEU B 59 41.12 25.86 -23.12
C LEU B 59 41.11 25.19 -24.50
N LYS B 60 39.99 24.58 -24.89
CA LYS B 60 39.89 24.02 -26.23
C LYS B 60 40.21 25.05 -27.30
N GLU B 61 39.76 26.31 -27.11
CA GLU B 61 39.99 27.32 -28.12
C GLU B 61 41.45 27.73 -28.23
N LYS B 62 42.26 27.46 -27.19
CA LYS B 62 43.70 27.66 -27.29
C LYS B 62 44.37 26.53 -28.09
N LEU B 63 43.85 25.31 -28.04
CA LEU B 63 44.39 24.22 -28.83
C LEU B 63 43.93 24.26 -30.29
N ASP B 64 43.29 25.34 -30.72
CA ASP B 64 42.93 25.49 -32.11
C ASP B 64 44.20 25.47 -32.95
N GLY B 65 44.27 24.53 -33.89
CA GLY B 65 45.44 24.31 -34.71
C GLY B 65 46.19 23.04 -34.39
N GLY B 66 45.81 22.33 -33.33
CA GLY B 66 46.55 21.15 -32.91
C GLY B 66 48.01 21.47 -32.70
N ILE B 67 48.87 20.51 -33.01
CA ILE B 67 50.29 20.78 -33.12
C ILE B 67 50.77 20.60 -34.56
N GLU B 68 49.86 20.67 -35.53
CA GLU B 68 50.20 20.38 -36.92
C GLU B 68 51.26 21.30 -37.51
N PRO B 69 51.26 22.62 -37.26
CA PRO B 69 52.38 23.44 -37.76
C PRO B 69 53.73 23.04 -37.20
N TYR B 70 53.78 22.10 -36.25
CA TYR B 70 55.01 21.81 -35.52
C TYR B 70 55.47 20.37 -35.65
N ARG B 71 54.73 19.51 -36.33
CA ARG B 71 55.14 18.12 -36.45
C ARG B 71 56.10 17.98 -37.63
N LEU B 72 57.29 17.45 -37.35
CA LEU B 72 58.26 17.19 -38.41
C LEU B 72 57.85 15.96 -39.21
N PRO B 73 58.38 15.81 -40.41
CA PRO B 73 58.19 14.55 -41.15
C PRO B 73 58.95 13.42 -40.48
N GLU B 74 58.49 12.19 -40.72
CA GLU B 74 59.06 11.00 -40.11
C GLU B 74 60.00 10.36 -41.12
N VAL B 75 61.30 10.55 -40.90
CA VAL B 75 62.31 9.95 -41.77
C VAL B 75 62.70 8.59 -41.22
N ILE B 76 62.85 7.61 -42.10
CA ILE B 76 63.39 6.30 -41.74
C ILE B 76 64.81 6.20 -42.31
N GLN B 77 65.71 5.63 -41.51
CA GLN B 77 67.10 5.47 -41.89
C GLN B 77 67.48 4.01 -41.73
N LYS B 78 68.05 3.43 -42.80
CA LYS B 78 68.49 2.04 -42.79
C LYS B 78 69.49 1.80 -41.68
N CYS B 79 69.12 0.96 -40.70
CA CYS B 79 69.93 0.76 -39.50
C CYS B 79 71.28 0.12 -39.82
N ASN B 80 72.30 0.93 -40.03
CA ASN B 80 73.62 0.46 -40.44
C ASN B 80 74.45 0.04 -39.23
N ALA B 81 75.42 -0.86 -39.48
CA ALA B 81 76.20 -1.47 -38.41
C ALA B 81 77.53 -0.78 -38.17
N ARG B 82 78.06 -0.03 -39.16
CA ARG B 82 79.35 0.63 -39.05
C ARG B 82 79.19 2.01 -38.41
N TRP B 83 80.13 2.34 -37.52
CA TRP B 83 80.15 3.60 -36.80
C TRP B 83 81.07 4.57 -37.52
N THR B 84 80.50 5.56 -38.20
CA THR B 84 81.34 6.65 -38.68
C THR B 84 81.82 7.48 -37.50
N THR B 85 82.91 8.22 -37.73
CA THR B 85 83.39 9.15 -36.72
C THR B 85 82.31 10.12 -36.31
N GLU B 86 81.56 10.64 -37.29
CA GLU B 86 80.51 11.61 -36.98
C GLU B 86 79.42 10.97 -36.15
N GLU B 87 79.15 9.69 -36.38
CA GLU B 87 78.13 9.00 -35.61
C GLU B 87 78.60 8.69 -34.20
N GLN B 88 79.89 8.37 -34.04
CA GLN B 88 80.41 8.18 -32.68
C GLN B 88 80.36 9.47 -31.89
N LEU B 89 80.69 10.60 -32.55
CA LEU B 89 80.64 11.90 -31.88
C LEU B 89 79.22 12.29 -31.52
N LEU B 90 78.24 11.88 -32.33
CA LEU B 90 76.86 12.12 -31.91
C LEU B 90 76.52 11.33 -30.66
N ALA B 91 76.99 10.08 -30.57
CA ALA B 91 76.63 9.25 -29.42
C ALA B 91 77.17 9.85 -28.13
N VAL B 92 78.45 10.27 -28.14
CA VAL B 92 79.05 10.85 -26.95
C VAL B 92 78.26 12.06 -26.47
N GLN B 93 77.81 12.91 -27.39
CA GLN B 93 76.99 14.05 -26.97
C GLN B 93 75.62 13.61 -26.47
N ALA B 94 75.05 12.56 -27.07
CA ALA B 94 73.75 12.09 -26.63
C ALA B 94 73.84 11.43 -25.26
N ILE B 95 74.97 10.78 -24.98
CA ILE B 95 75.21 10.28 -23.63
C ILE B 95 75.28 11.43 -22.66
N ARG B 96 76.04 12.46 -23.02
CA ARG B 96 76.18 13.63 -22.17
C ARG B 96 74.82 14.25 -21.82
N LYS B 97 73.86 14.17 -22.73
CA LYS B 97 72.57 14.84 -22.57
C LYS B 97 71.46 13.92 -22.07
N TYR B 98 71.47 12.64 -22.45
CA TYR B 98 70.35 11.75 -22.16
C TYR B 98 70.70 10.63 -21.21
N GLY B 99 71.97 10.48 -20.82
CA GLY B 99 72.36 9.46 -19.87
C GLY B 99 72.28 8.05 -20.41
N ARG B 100 71.49 7.20 -19.75
CA ARG B 100 71.35 5.82 -20.15
C ARG B 100 70.10 5.59 -21.01
N ASP B 101 69.49 6.66 -21.51
CA ASP B 101 68.29 6.56 -22.34
C ASP B 101 68.71 6.07 -23.72
N PHE B 102 68.83 4.73 -23.83
CA PHE B 102 69.33 4.14 -25.07
C PHE B 102 68.43 4.44 -26.26
N GLN B 103 67.12 4.56 -26.01
CA GLN B 103 66.18 4.82 -27.10
C GLN B 103 66.39 6.22 -27.68
N ALA B 104 66.45 7.22 -26.82
CA ALA B 104 66.64 8.58 -27.30
C ALA B 104 67.96 8.71 -28.04
N ILE B 105 69.00 8.03 -27.55
CA ILE B 105 70.30 8.09 -28.22
C ILE B 105 70.21 7.48 -29.62
N SER B 106 69.52 6.35 -29.75
CA SER B 106 69.28 5.77 -31.06
C SER B 106 68.55 6.75 -31.98
N ASP B 107 67.48 7.37 -31.47
CA ASP B 107 66.71 8.30 -32.29
C ASP B 107 67.55 9.48 -32.76
N VAL B 108 68.54 9.90 -31.96
CA VAL B 108 69.37 11.02 -32.34
C VAL B 108 70.32 10.62 -33.47
N ILE B 109 70.98 9.47 -33.33
CA ILE B 109 71.96 9.08 -34.32
C ILE B 109 71.26 8.71 -35.64
N GLY B 110 70.13 8.03 -35.56
CA GLY B 110 69.32 7.78 -36.73
C GLY B 110 69.45 6.39 -37.29
N ASN B 111 70.70 5.92 -37.42
CA ASN B 111 70.95 4.61 -38.02
C ASN B 111 71.67 3.68 -37.07
N LYS B 112 71.20 3.59 -35.82
CA LYS B 112 71.81 2.71 -34.84
C LYS B 112 70.71 2.14 -33.95
N SER B 113 70.62 0.82 -33.89
CA SER B 113 69.63 0.15 -33.06
C SER B 113 69.94 0.41 -31.58
N VAL B 114 68.95 0.09 -30.74
CA VAL B 114 69.13 0.26 -29.30
C VAL B 114 70.27 -0.61 -28.80
N VAL B 115 70.35 -1.86 -29.29
CA VAL B 115 71.42 -2.75 -28.88
C VAL B 115 72.77 -2.22 -29.33
N GLN B 116 72.85 -1.78 -30.60
CA GLN B 116 74.11 -1.23 -31.09
C GLN B 116 74.58 -0.09 -30.21
N VAL B 117 73.65 0.72 -29.69
CA VAL B 117 74.01 1.76 -28.74
C VAL B 117 74.56 1.14 -27.47
N LYS B 118 73.88 0.10 -26.95
CA LYS B 118 74.35 -0.59 -25.76
C LYS B 118 75.76 -1.13 -25.98
N ASN B 119 75.98 -1.81 -27.10
CA ASN B 119 77.32 -2.34 -27.40
C ASN B 119 78.35 -1.22 -27.45
N PHE B 120 77.98 -0.09 -28.07
CA PHE B 120 78.83 1.09 -28.08
C PHE B 120 79.26 1.50 -26.68
N PHE B 121 78.34 1.46 -25.72
CA PHE B 121 78.62 1.85 -24.34
C PHE B 121 79.78 1.08 -23.73
N VAL B 122 79.96 -0.20 -24.08
CA VAL B 122 81.06 -0.97 -23.54
C VAL B 122 82.31 -0.84 -24.39
N ASN B 123 82.20 -1.04 -25.71
CA ASN B 123 83.39 -1.06 -26.56
C ASN B 123 84.16 0.25 -26.48
N TYR B 124 83.44 1.37 -26.40
CA TYR B 124 84.11 2.66 -26.31
C TYR B 124 84.04 3.23 -24.90
N ARG B 125 83.79 2.39 -23.90
CA ARG B 125 83.73 2.88 -22.53
C ARG B 125 85.07 3.47 -22.10
N ARG B 126 86.15 2.78 -22.44
CA ARG B 126 87.49 3.22 -22.05
C ARG B 126 87.92 4.46 -22.82
N ARG B 127 87.78 4.44 -24.15
CA ARG B 127 88.35 5.45 -25.01
C ARG B 127 87.60 6.77 -24.98
N PHE B 128 86.34 6.76 -24.55
CA PHE B 128 85.50 7.96 -24.55
C PHE B 128 85.15 8.44 -23.15
N ASN B 129 85.87 7.97 -22.13
CA ASN B 129 85.59 8.29 -20.73
C ASN B 129 84.09 8.29 -20.45
N ILE B 130 83.41 7.25 -20.97
CA ILE B 130 81.96 7.20 -20.90
C ILE B 130 81.49 7.31 -19.46
N ASP B 131 82.26 6.72 -18.53
CA ASP B 131 81.94 6.86 -17.11
C ASP B 131 81.98 8.33 -16.66
N GLU B 132 83.07 9.03 -17.00
CA GLU B 132 83.14 10.47 -16.74
C GLU B 132 81.95 11.20 -17.35
N VAL B 133 81.51 10.76 -18.53
CA VAL B 133 80.44 11.48 -19.22
C VAL B 133 79.11 11.27 -18.51
N LEU B 134 78.83 10.05 -18.06
CA LEU B 134 77.62 9.81 -17.29
C LEU B 134 77.65 10.55 -15.96
N GLN B 135 78.80 10.58 -15.29
CA GLN B 135 78.95 11.42 -14.10
C GLN B 135 78.65 12.88 -14.42
N GLU B 136 79.10 13.34 -15.59
CA GLU B 136 78.88 14.72 -16.01
C GLU B 136 77.39 15.00 -16.23
N TRP B 137 76.64 14.00 -16.71
CA TRP B 137 75.21 14.17 -16.94
C TRP B 137 74.43 14.26 -15.62
N GLU B 138 74.87 13.54 -14.60
CA GLU B 138 74.15 13.45 -13.34
C GLU B 138 74.29 14.70 -12.47
N ALA B 139 75.13 15.67 -12.86
CA ALA B 139 75.26 16.89 -12.08
C ALA B 139 74.02 17.78 -12.24
N GLU B 140 73.70 18.17 -13.48
CA GLU B 140 72.56 19.05 -13.74
C GLU B 140 71.22 18.33 -13.62
C1 GOL C . -1.28 9.78 2.64
O1 GOL C . -2.66 9.73 2.93
C2 GOL C . -1.12 10.68 1.38
O2 GOL C . -1.77 11.89 1.52
C3 GOL C . 0.42 10.82 1.16
O3 GOL C . 0.85 11.89 1.94
C1 GOL D . -29.37 8.12 4.96
O1 GOL D . -28.52 9.14 5.42
C2 GOL D . -29.16 6.87 5.91
O2 GOL D . -28.97 7.23 7.25
C3 GOL D . -30.41 5.89 5.67
O3 GOL D . -31.49 6.24 6.52
C1 GOL E . -12.30 -2.42 -5.15
O1 GOL E . -12.23 -1.03 -5.50
C2 GOL E . -13.73 -2.70 -4.54
O2 GOL E . -14.62 -1.72 -4.90
C3 GOL E . -14.18 -4.09 -5.09
O3 GOL E . -15.61 -4.12 -5.10
C27 DJ0 F . -19.77 -0.79 1.38
C28 DJ0 F . -18.33 -1.26 1.42
C29 DJ0 F . -17.82 -1.47 2.85
C30 DJ0 F . -16.91 -2.66 3.16
C31 DJ0 F . -16.80 -3.80 2.35
C32 DJ0 F . -15.99 -4.84 2.77
C33 DJ0 F . -15.30 -4.83 3.94
C34 DJ0 F . -15.41 -3.70 4.71
C35 DJ0 F . -16.20 -2.62 4.35
C36 DJ0 F . -16.91 -4.34 -0.06
C37 DJ0 F . -15.53 -3.79 -0.26
C38 DJ0 F . -15.34 -2.42 -0.45
C39 DJ0 F . -14.07 -1.93 -0.70
C40 DJ0 F . -12.98 -2.77 -0.76
C41 DJ0 F . -13.16 -4.12 -0.57
C42 DJ0 F . -14.43 -4.63 -0.33
F DJ0 F . -15.91 -5.95 2.00
F1 DJ0 F . -14.72 -3.62 5.86
O15 DJ0 F . -20.22 -0.18 0.41
O16 DJ0 F . -17.53 -3.89 1.16
PA FAD G . -26.71 -1.86 12.35
O1A FAD G . -27.24 -2.48 11.10
O2A FAD G . -26.35 -0.39 12.46
O5B FAD G . -27.80 -2.17 13.51
C5B FAD G . -27.92 -1.37 14.69
C4B FAD G . -29.37 -1.00 14.79
O4B FAD G . -29.61 -0.34 16.06
C3B FAD G . -29.87 -0.04 13.71
O3B FAD G . -31.09 -0.51 13.13
C2B FAD G . -30.06 1.28 14.47
O2B FAD G . -31.05 2.14 13.94
C1B FAD G . -30.48 0.75 15.83
N9A FAD G . -30.34 1.69 16.93
C8A FAD G . -29.41 2.67 17.08
N7A FAD G . -29.57 3.40 18.16
C5A FAD G . -30.67 2.84 18.76
C6A FAD G . -31.36 3.15 19.96
N6A FAD G . -31.05 4.18 20.76
N1A FAD G . -32.43 2.39 20.30
C2A FAD G . -32.79 1.40 19.47
N3A FAD G . -32.23 1.03 18.31
C4A FAD G . -31.17 1.78 18.03
N1 FAD G . -20.71 -4.14 4.47
C2 FAD G . -20.72 -5.13 3.53
O2 FAD G . -20.66 -6.32 3.83
N3 FAD G . -20.81 -4.72 2.22
C4 FAD G . -20.84 -3.43 1.76
O4 FAD G . -21.06 -3.19 0.58
C4X FAD G . -20.70 -2.48 2.79
N5 FAD G . -20.62 -1.13 2.48
C5X FAD G . -21.16 -0.18 3.39
C6 FAD G . -21.52 1.10 3.00
C7 FAD G . -22.08 1.99 3.90
C7M FAD G . -22.40 3.40 3.45
C8 FAD G . -22.31 1.59 5.23
C8M FAD G . -23.03 2.49 6.20
C9 FAD G . -21.90 0.33 5.63
C9A FAD G . -21.31 -0.56 4.73
N10 FAD G . -20.98 -1.89 5.12
C10 FAD G . -20.74 -2.82 4.12
C1' FAD G . -21.02 -2.28 6.53
C2' FAD G . -22.32 -2.96 6.97
O2' FAD G . -23.42 -2.22 6.43
C3' FAD G . -22.47 -2.97 8.48
O3' FAD G . -21.30 -3.50 9.09
C4' FAD G . -23.67 -3.77 9.01
O4' FAD G . -24.77 -3.66 8.11
C5' FAD G . -24.07 -3.26 10.37
O5' FAD G . -24.77 -4.27 11.11
P FAD G . -25.03 -4.19 12.67
O1P FAD G . -23.85 -4.40 13.52
O2P FAD G . -26.27 -5.07 12.82
O3P FAD G . -25.45 -2.67 12.87
#